data_4ZZA
#
_entry.id   4ZZA
#
_cell.length_a   55.385
_cell.length_b   90.949
_cell.length_c   145.530
_cell.angle_alpha   90.000
_cell.angle_beta   90.000
_cell.angle_gamma   90.000
#
_symmetry.space_group_name_H-M   'P 21 21 21'
#
loop_
_entity.id
_entity.type
_entity.pdbx_description
1 polymer 'Sugar binding protein of ABC transporter system'
2 branched alpha-D-galactopyranose-(1-6)-alpha-D-glucopyranose-(1-2)-beta-D-fructofuranose
3 water water
#
_entity_poly.entity_id   1
_entity_poly.type   'polypeptide(L)'
_entity_poly.pdbx_seq_one_letter_code
;GSH(MSE)GSGQVTLDFFQFKAEAADWFKQAAQEFEKENPDIRININNSANAQTDLRTRFVKDRVPDVITFNGDYSFGTF
AASGVFHDFTDDPLVSELNEG(MSE)VNIAKNLVQTSDPAKKRLYGLPFAGNASGYIYNKDLFRKVGLDPDNPPQTWDEF
IA(MSE)LKKFRDAGINPVQATLADAWTTQAPLASLAGTLVPESEYAALKSGDTTFKQIWTEPIEKEIELFKYADSEKGV
TYQQGTQNFAKGTAAIIPLGTYAIPQIT(MSE)VNKDIDLGFAQ(MSE)PATNDASKQILTAGDDVILT(MSE)GANSRH
KEQS(MSE)RFIRFL(MSE)SKKQLENYADAQSAITPLKETYFGNKALEPVRPFFESNRVADFCDHYIPSSINIGGYLQS
AI(MSE)SGNVNQFIDS(MSE)QNEWNKVQARDFRK
;
_entity_poly.pdbx_strand_id   A,B
#
loop_
_chem_comp.id
_chem_comp.type
_chem_comp.name
_chem_comp.formula
FRU D-saccharide, beta linking beta-D-fructofuranose 'C6 H12 O6'
GLA D-saccharide, alpha linking alpha-D-galactopyranose 'C6 H12 O6'
GLC D-saccharide, alpha linking alpha-D-glucopyranose 'C6 H12 O6'
#
# COMPACT_ATOMS: atom_id res chain seq x y z
N VAL A 9 -5.97 40.73 15.49
CA VAL A 9 -4.71 40.04 15.31
C VAL A 9 -4.19 40.11 13.89
N THR A 10 -2.90 39.84 13.77
CA THR A 10 -2.19 39.72 12.50
C THR A 10 -1.75 38.27 12.29
N LEU A 11 -2.14 37.72 11.15
CA LEU A 11 -1.69 36.37 10.78
C LEU A 11 -0.50 36.46 9.82
N ASP A 12 0.51 35.62 10.04
CA ASP A 12 1.56 35.39 9.06
C ASP A 12 1.11 34.26 8.10
N PHE A 13 0.97 34.61 6.82
CA PHE A 13 0.51 33.68 5.80
C PHE A 13 1.73 33.40 4.94
N PHE A 14 2.33 32.22 5.10
CA PHE A 14 3.39 31.74 4.21
C PHE A 14 2.74 31.10 2.99
N GLN A 15 3.05 31.65 1.82
CA GLN A 15 2.41 31.25 0.57
C GLN A 15 3.49 30.79 -0.44
N PHE A 16 3.62 29.48 -0.65
CA PHE A 16 4.77 28.95 -1.39
C PHE A 16 4.76 29.25 -2.90
N LYS A 17 3.57 29.45 -3.48
CA LYS A 17 3.41 29.37 -4.93
C LYS A 17 3.62 30.70 -5.67
N ALA A 18 4.73 30.78 -6.42
CA ALA A 18 5.06 32.01 -7.14
C ALA A 18 3.96 32.36 -8.14
N GLU A 19 3.47 31.36 -8.88
CA GLU A 19 2.50 31.65 -9.94
C GLU A 19 1.16 32.21 -9.46
N ALA A 20 0.83 32.05 -8.17
CA ALA A 20 -0.48 32.41 -7.64
C ALA A 20 -0.41 33.56 -6.64
N ALA A 21 0.70 34.28 -6.66
CA ALA A 21 0.93 35.32 -5.67
C ALA A 21 -0.18 36.33 -5.71
N ASP A 22 -0.54 36.80 -6.91
CA ASP A 22 -1.62 37.77 -6.97
C ASP A 22 -2.95 37.22 -6.47
N TRP A 23 -3.28 35.97 -6.77
CA TRP A 23 -4.58 35.43 -6.36
C TRP A 23 -4.74 35.41 -4.86
N PHE A 24 -3.71 34.98 -4.15
CA PHE A 24 -3.80 34.88 -2.70
C PHE A 24 -3.76 36.26 -2.03
N LYS A 25 -3.02 37.21 -2.61
CA LYS A 25 -3.05 38.60 -2.14
C LYS A 25 -4.48 39.13 -2.16
N GLN A 26 -5.15 38.92 -3.29
CA GLN A 26 -6.50 39.43 -3.45
C GLN A 26 -7.51 38.69 -2.56
N ALA A 27 -7.32 37.38 -2.37
CA ALA A 27 -8.20 36.61 -1.50
C ALA A 27 -8.07 37.09 -0.06
N ALA A 28 -6.85 37.28 0.40
CA ALA A 28 -6.60 37.75 1.74
C ALA A 28 -7.26 39.12 1.97
N GLN A 29 -7.11 40.04 1.02
CA GLN A 29 -7.70 41.38 1.14
C GLN A 29 -9.23 41.33 1.18
N GLU A 30 -9.82 40.45 0.37
CA GLU A 30 -11.24 40.23 0.38
C GLU A 30 -11.66 39.71 1.77
N PHE A 31 -10.93 38.74 2.30
CA PHE A 31 -11.24 38.25 3.65
C PHE A 31 -11.14 39.37 4.73
N GLU A 32 -10.13 40.23 4.62
CA GLU A 32 -9.98 41.35 5.56
C GLU A 32 -11.20 42.30 5.59
N LYS A 33 -11.83 42.50 4.43
CA LYS A 33 -12.96 43.43 4.34
C LYS A 33 -14.13 42.96 5.17
N GLU A 34 -14.27 41.64 5.25
CA GLU A 34 -15.38 41.04 5.97
C GLU A 34 -15.01 40.67 7.40
N ASN A 35 -13.74 40.80 7.75
CA ASN A 35 -13.24 40.39 9.05
C ASN A 35 -12.23 41.40 9.61
N PRO A 36 -12.73 42.55 10.09
CA PRO A 36 -11.88 43.67 10.52
C PRO A 36 -11.01 43.36 11.73
N ASP A 37 -11.32 42.29 12.46
CA ASP A 37 -10.52 41.85 13.59
C ASP A 37 -9.30 41.00 13.16
N ILE A 38 -9.15 40.76 11.85
CA ILE A 38 -8.05 39.95 11.34
C ILE A 38 -7.32 40.63 10.21
N ARG A 39 -6.02 40.81 10.40
CA ARG A 39 -5.14 41.26 9.34
C ARG A 39 -4.21 40.12 8.86
N ILE A 40 -3.94 40.10 7.56
CA ILE A 40 -3.17 39.01 6.99
C ILE A 40 -1.93 39.59 6.34
N ASN A 41 -0.78 39.19 6.87
CA ASN A 41 0.51 39.51 6.30
C ASN A 41 1.09 38.35 5.49
N ILE A 42 1.18 38.53 4.18
CA ILE A 42 1.69 37.49 3.27
C ILE A 42 3.20 37.50 3.10
N ASN A 43 3.82 36.36 3.34
CA ASN A 43 5.21 36.10 2.99
C ASN A 43 5.31 35.19 1.76
N ARG A 60 8.15 30.66 15.73
CA ARG A 60 7.84 31.61 14.65
C ARG A 60 7.07 30.99 13.49
N VAL A 61 6.42 29.85 13.72
CA VAL A 61 5.71 29.20 12.64
C VAL A 61 4.64 30.13 12.05
N PRO A 62 4.57 30.20 10.70
CA PRO A 62 3.46 31.00 10.18
C PRO A 62 2.12 30.38 10.59
N ASP A 63 1.10 31.23 10.69
CA ASP A 63 -0.22 30.78 11.07
C ASP A 63 -0.96 30.00 9.97
N VAL A 64 -0.99 30.54 8.76
CA VAL A 64 -1.60 29.89 7.61
C VAL A 64 -0.49 29.66 6.57
N ILE A 65 -0.51 28.49 5.95
CA ILE A 65 0.56 28.02 5.07
C ILE A 65 -0.02 27.33 3.83
N THR A 66 0.55 27.64 2.67
CA THR A 66 0.37 26.79 1.50
C THR A 66 1.72 26.12 1.21
N PHE A 67 1.63 24.86 0.82
CA PHE A 67 2.80 24.08 0.55
C PHE A 67 2.50 23.16 -0.64
N ASN A 68 3.48 22.90 -1.49
CA ASN A 68 3.31 21.88 -2.49
C ASN A 68 3.19 20.52 -1.82
N GLY A 69 2.38 19.64 -2.38
CA GLY A 69 2.16 18.32 -1.79
C GLY A 69 3.23 17.31 -2.16
N ASP A 70 4.39 17.40 -1.50
CA ASP A 70 5.53 16.56 -1.87
C ASP A 70 6.23 15.98 -0.64
N TYR A 71 7.42 15.43 -0.85
CA TYR A 71 8.16 14.77 0.24
C TYR A 71 8.41 15.73 1.40
N SER A 72 8.78 16.97 1.09
CA SER A 72 9.05 17.97 2.10
C SER A 72 7.81 18.21 2.96
N PHE A 73 6.66 18.36 2.31
CA PHE A 73 5.43 18.46 3.05
C PHE A 73 5.32 17.30 4.04
N GLY A 74 5.55 16.09 3.56
CA GLY A 74 5.42 14.88 4.38
C GLY A 74 6.37 14.84 5.55
N THR A 75 7.57 15.36 5.34
CA THR A 75 8.55 15.40 6.39
C THR A 75 8.14 16.41 7.47
N PHE A 76 7.78 17.63 7.09
CA PHE A 76 7.30 18.59 8.07
C PHE A 76 6.04 18.07 8.79
N ALA A 77 5.16 17.38 8.06
CA ALA A 77 3.96 16.78 8.65
C ALA A 77 4.31 15.78 9.76
N ALA A 78 5.24 14.88 9.48
CA ALA A 78 5.68 13.88 10.45
C ALA A 78 6.36 14.52 11.69
N SER A 79 7.02 15.65 11.51
CA SER A 79 7.71 16.33 12.61
C SER A 79 6.77 17.13 13.54
N GLY A 80 5.52 17.29 13.13
CA GLY A 80 4.53 18.01 13.93
C GLY A 80 4.49 19.52 13.66
N VAL A 81 5.07 19.98 12.55
CA VAL A 81 5.00 21.41 12.25
C VAL A 81 3.55 21.86 12.00
N PHE A 82 2.73 20.97 11.42
CA PHE A 82 1.40 21.35 10.96
C PHE A 82 0.29 20.82 11.85
N HIS A 83 -0.80 21.60 11.90
CA HIS A 83 -2.02 21.18 12.55
C HIS A 83 -2.55 19.87 11.95
N ASP A 84 -3.05 19.01 12.83
CA ASP A 84 -3.68 17.75 12.43
C ASP A 84 -5.12 17.99 12.07
N PHE A 85 -5.44 17.87 10.78
CA PHE A 85 -6.77 18.16 10.27
C PHE A 85 -7.68 16.93 10.18
N THR A 86 -7.21 15.78 10.67
CA THR A 86 -7.85 14.50 10.32
C THR A 86 -9.37 14.50 10.55
N ASP A 87 -9.82 15.04 11.66
CA ASP A 87 -11.25 14.97 11.93
C ASP A 87 -12.07 16.16 11.44
N ASP A 88 -11.44 17.10 10.76
CA ASP A 88 -12.09 18.37 10.46
C ASP A 88 -13.35 18.23 9.60
N PRO A 89 -14.42 18.94 9.96
CA PRO A 89 -15.66 18.85 9.18
C PRO A 89 -15.49 19.22 7.71
N LEU A 90 -14.47 19.99 7.36
CA LEU A 90 -14.24 20.31 5.95
C LEU A 90 -13.86 19.11 5.06
N VAL A 91 -13.27 18.08 5.64
CA VAL A 91 -12.70 16.97 4.88
C VAL A 91 -13.75 16.16 4.11
N SER A 92 -14.93 15.94 4.70
CA SER A 92 -15.94 15.06 4.11
C SER A 92 -16.43 15.52 2.73
N GLU A 93 -16.25 16.80 2.41
CA GLU A 93 -16.65 17.31 1.10
C GLU A 93 -15.55 17.19 0.04
N LEU A 94 -14.40 16.66 0.42
CA LEU A 94 -13.25 16.67 -0.47
C LEU A 94 -13.05 15.33 -1.18
N ASN A 95 -12.57 15.45 -2.41
CA ASN A 95 -12.09 14.31 -3.23
C ASN A 95 -11.24 13.37 -2.39
N GLU A 96 -11.75 12.16 -2.16
CA GLU A 96 -11.10 11.24 -1.22
C GLU A 96 -9.69 10.87 -1.68
N GLY A 97 -9.52 10.77 -2.99
CA GLY A 97 -8.22 10.43 -3.58
C GLY A 97 -7.15 11.46 -3.22
N MSE A 98 -7.52 12.72 -3.32
CA MSE A 98 -6.61 13.80 -2.95
C MSE A 98 -6.32 13.90 -1.46
O MSE A 98 -5.19 14.23 -1.07
CB MSE A 98 -7.19 15.09 -3.50
CG MSE A 98 -7.14 15.09 -5.02
SE MSE A 98 -7.91 16.75 -5.76
CE MSE A 98 -6.58 18.02 -5.21
H MSE A 98 -8.29 12.98 -3.58
HA MSE A 98 -5.77 13.66 -3.43
HB2 MSE A 98 -8.12 15.16 -3.22
HB3 MSE A 98 -6.67 15.85 -3.17
N VAL A 99 -7.29 13.56 -0.63
CA VAL A 99 -7.07 13.55 0.79
C VAL A 99 -6.08 12.43 1.12
N ASN A 100 -6.30 11.26 0.55
CA ASN A 100 -5.41 10.12 0.83
C ASN A 100 -3.98 10.35 0.34
N ILE A 101 -3.85 11.07 -0.77
CA ILE A 101 -2.54 11.51 -1.25
C ILE A 101 -1.82 12.29 -0.14
N ALA A 102 -2.51 13.28 0.42
CA ALA A 102 -1.93 14.11 1.48
C ALA A 102 -1.53 13.26 2.68
N LYS A 103 -2.42 12.37 3.10
CA LYS A 103 -2.13 11.46 4.21
C LYS A 103 -0.95 10.54 3.91
N ASN A 104 -0.87 9.98 2.69
CA ASN A 104 0.20 9.06 2.38
C ASN A 104 1.57 9.75 2.22
N LEU A 105 1.59 11.06 2.06
CA LEU A 105 2.85 11.81 1.97
C LEU A 105 3.62 11.81 3.30
N VAL A 106 2.92 11.64 4.42
CA VAL A 106 3.54 11.65 5.76
C VAL A 106 4.70 10.67 5.85
N GLN A 107 5.86 11.19 6.19
CA GLN A 107 7.07 10.40 6.17
C GLN A 107 7.25 9.69 7.50
N THR A 108 6.60 8.54 7.57
CA THR A 108 6.56 7.68 8.76
C THR A 108 6.41 6.23 8.25
N SER A 109 6.91 5.26 9.03
CA SER A 109 6.67 3.83 8.74
C SER A 109 5.50 3.21 9.55
N ASP A 110 4.87 4.00 10.40
CA ASP A 110 3.73 3.54 11.20
C ASP A 110 2.45 3.88 10.46
N PRO A 111 1.71 2.86 9.97
CA PRO A 111 0.46 3.10 9.24
C PRO A 111 -0.47 4.05 9.99
N ALA A 112 -0.47 3.95 11.32
CA ALA A 112 -1.38 4.75 12.14
C ALA A 112 -1.04 6.24 12.16
N LYS A 113 0.22 6.57 11.78
CA LYS A 113 0.68 7.96 11.81
C LYS A 113 0.50 8.72 10.48
N LYS A 114 -0.16 8.06 9.53
CA LYS A 114 -0.55 8.65 8.27
C LYS A 114 -1.79 9.51 8.41
N ARG A 115 -1.70 10.54 9.25
CA ARG A 115 -2.82 11.42 9.53
C ARG A 115 -2.84 12.56 8.51
N LEU A 116 -3.91 13.33 8.52
CA LEU A 116 -4.07 14.44 7.60
C LEU A 116 -3.56 15.75 8.23
N TYR A 117 -2.53 16.34 7.63
CA TYR A 117 -1.89 17.52 8.19
C TYR A 117 -2.03 18.76 7.32
N GLY A 118 -3.01 18.74 6.45
CA GLY A 118 -3.33 19.87 5.62
C GLY A 118 -4.52 19.53 4.75
N LEU A 119 -5.12 20.54 4.16
CA LEU A 119 -6.24 20.31 3.25
C LEU A 119 -5.83 20.50 1.79
N PRO A 120 -6.12 19.50 0.95
CA PRO A 120 -5.94 19.73 -0.49
C PRO A 120 -6.74 20.93 -1.01
N PHE A 121 -6.06 21.87 -1.67
CA PHE A 121 -6.68 23.11 -2.11
C PHE A 121 -6.77 23.14 -3.63
N ALA A 122 -5.80 22.51 -4.29
CA ALA A 122 -5.80 22.46 -5.74
C ALA A 122 -4.96 21.32 -6.22
N GLY A 123 -5.41 20.72 -7.30
CA GLY A 123 -4.69 19.63 -7.91
C GLY A 123 -4.00 20.07 -9.21
N ASN A 124 -3.01 19.29 -9.63
CA ASN A 124 -2.37 19.49 -10.91
C ASN A 124 -2.34 18.19 -11.70
N ALA A 125 -1.72 18.25 -12.87
CA ALA A 125 -1.32 17.08 -13.65
C ALA A 125 0.01 17.44 -14.32
N SER A 126 0.80 16.41 -14.61
CA SER A 126 2.07 16.57 -15.30
C SER A 126 1.93 15.93 -16.67
N GLY A 127 2.54 16.55 -17.68
CA GLY A 127 2.42 16.07 -19.05
C GLY A 127 3.05 17.12 -19.93
N TYR A 128 2.27 17.64 -20.86
CA TYR A 128 2.76 18.74 -21.69
C TYR A 128 1.66 19.69 -22.14
N ILE A 129 2.04 20.96 -22.20
CA ILE A 129 1.19 22.01 -22.73
C ILE A 129 1.57 22.18 -24.20
N TYR A 130 0.57 22.26 -25.07
CA TYR A 130 0.82 22.38 -26.50
C TYR A 130 0.05 23.51 -27.15
N ASN A 131 0.60 24.00 -28.27
CA ASN A 131 0.01 25.10 -29.01
C ASN A 131 -0.93 24.56 -30.09
N LYS A 132 -2.24 24.71 -29.86
CA LYS A 132 -3.24 24.17 -30.76
C LYS A 132 -3.09 24.76 -32.15
N ASP A 133 -2.71 26.03 -32.25
CA ASP A 133 -2.54 26.67 -33.56
C ASP A 133 -1.42 26.02 -34.36
N LEU A 134 -0.33 25.66 -33.69
CA LEU A 134 0.75 24.94 -34.38
C LEU A 134 0.32 23.50 -34.71
N PHE A 135 -0.49 22.89 -33.86
CA PHE A 135 -1.06 21.58 -34.20
C PHE A 135 -1.79 21.68 -35.54
N ARG A 136 -2.67 22.68 -35.66
CA ARG A 136 -3.45 22.89 -36.88
C ARG A 136 -2.55 23.17 -38.09
N LYS A 137 -1.44 23.85 -37.84
CA LYS A 137 -0.52 24.17 -38.94
C LYS A 137 0.04 22.94 -39.62
N VAL A 138 0.21 21.85 -38.88
CA VAL A 138 0.79 20.65 -39.46
C VAL A 138 -0.23 19.53 -39.62
N GLY A 139 -1.51 19.87 -39.53
CA GLY A 139 -2.58 18.91 -39.76
C GLY A 139 -2.86 17.96 -38.61
N LEU A 140 -2.37 18.28 -37.41
CA LEU A 140 -2.67 17.44 -36.27
C LEU A 140 -3.98 17.92 -35.64
N ASP A 141 -4.68 16.99 -35.01
CA ASP A 141 -5.95 17.26 -34.36
C ASP A 141 -5.70 17.76 -32.93
N PRO A 142 -5.98 19.03 -32.67
CA PRO A 142 -5.69 19.58 -31.34
C PRO A 142 -6.54 18.97 -30.19
N ASP A 143 -7.61 18.24 -30.54
CA ASP A 143 -8.48 17.62 -29.53
C ASP A 143 -8.12 16.18 -29.21
N ASN A 144 -7.24 15.58 -30.03
CA ASN A 144 -6.80 14.20 -29.84
C ASN A 144 -5.27 14.07 -29.93
N PRO A 145 -4.57 14.49 -28.86
CA PRO A 145 -3.11 14.41 -28.85
C PRO A 145 -2.64 12.97 -28.86
N PRO A 146 -1.36 12.76 -29.15
CA PRO A 146 -0.77 11.43 -29.28
C PRO A 146 -1.10 10.48 -28.13
N GLN A 147 -1.40 9.23 -28.47
CA GLN A 147 -1.82 8.23 -27.51
C GLN A 147 -0.72 7.28 -27.13
N THR A 148 0.35 7.27 -27.93
CA THR A 148 1.46 6.36 -27.68
C THR A 148 2.79 7.11 -27.82
N TRP A 149 3.82 6.53 -27.25
CA TRP A 149 5.17 7.07 -27.35
C TRP A 149 5.62 7.28 -28.80
N ASP A 150 5.43 6.27 -29.66
CA ASP A 150 5.82 6.38 -31.06
C ASP A 150 5.10 7.52 -31.74
N GLU A 151 3.81 7.66 -31.49
CA GLU A 151 3.02 8.74 -32.05
C GLU A 151 3.50 10.10 -31.50
N PHE A 152 3.87 10.13 -30.22
CA PHE A 152 4.35 11.38 -29.60
C PHE A 152 5.65 11.83 -30.26
N ILE A 153 6.59 10.91 -30.40
CA ILE A 153 7.86 11.21 -31.07
C ILE A 153 7.66 11.58 -32.55
N ALA A 154 6.73 10.92 -33.25
CA ALA A 154 6.45 11.26 -34.66
C ALA A 154 5.94 12.69 -34.73
N MSE A 155 5.15 13.07 -33.74
CA MSE A 155 4.61 14.43 -33.65
C MSE A 155 5.77 15.45 -33.58
O MSE A 155 5.72 16.49 -34.24
CB MSE A 155 3.70 14.56 -32.42
CG MSE A 155 2.59 15.59 -32.47
SE MSE A 155 2.29 16.33 -30.67
CE MSE A 155 3.99 17.28 -30.72
H MSE A 155 4.90 12.56 -33.09
HA MSE A 155 4.08 14.61 -34.45
HB2 MSE A 155 3.28 13.69 -32.26
HB3 MSE A 155 4.26 14.78 -31.66
N LEU A 156 6.78 15.17 -32.76
CA LEU A 156 7.90 16.13 -32.61
C LEU A 156 8.70 16.19 -33.90
N LYS A 157 8.95 15.01 -34.51
CA LYS A 157 9.68 14.99 -35.78
C LYS A 157 8.93 15.78 -36.84
N LYS A 158 7.62 15.62 -36.86
CA LYS A 158 6.76 16.35 -37.78
C LYS A 158 6.89 17.85 -37.60
N PHE A 159 6.90 18.31 -36.36
CA PHE A 159 7.08 19.75 -36.12
C PHE A 159 8.47 20.23 -36.61
N ARG A 160 9.50 19.47 -36.29
CA ARG A 160 10.85 19.83 -36.71
C ARG A 160 10.95 19.92 -38.22
N ASP A 161 10.46 18.88 -38.87
CA ASP A 161 10.48 18.78 -40.32
C ASP A 161 9.72 19.95 -40.97
N ALA A 162 8.69 20.44 -40.29
CA ALA A 162 7.94 21.56 -40.79
C ALA A 162 8.58 22.92 -40.48
N GLY A 163 9.74 22.92 -39.80
CA GLY A 163 10.43 24.16 -39.43
C GLY A 163 10.02 24.78 -38.09
N ILE A 164 9.31 24.02 -37.27
CA ILE A 164 8.86 24.50 -35.95
C ILE A 164 9.70 23.88 -34.85
N ASN A 165 10.09 24.68 -33.87
CA ASN A 165 10.81 24.12 -32.71
C ASN A 165 9.88 23.21 -31.90
N PRO A 166 10.22 21.90 -31.79
CA PRO A 166 9.21 21.02 -31.17
C PRO A 166 9.03 21.24 -29.65
N VAL A 167 10.12 21.38 -28.90
CA VAL A 167 10.09 21.40 -27.45
C VAL A 167 10.81 22.60 -26.90
N GLN A 168 10.16 23.27 -25.96
CA GLN A 168 10.78 24.34 -25.18
C GLN A 168 11.30 23.78 -23.84
N ALA A 169 12.61 23.65 -23.73
CA ALA A 169 13.24 23.22 -22.49
C ALA A 169 13.39 24.43 -21.58
N THR A 170 13.56 24.19 -20.29
CA THR A 170 13.79 25.24 -19.30
C THR A 170 14.81 24.79 -18.23
N LEU A 171 15.93 24.26 -18.69
CA LEU A 171 16.92 23.60 -17.83
C LEU A 171 17.62 24.44 -16.78
N ALA A 172 17.72 25.75 -16.99
CA ALA A 172 18.35 26.62 -16.01
C ALA A 172 17.61 26.54 -14.66
N ASP A 173 16.30 26.27 -14.70
CA ASP A 173 15.54 26.00 -13.46
C ASP A 173 15.39 24.50 -13.25
N ALA A 174 16.24 23.94 -12.40
CA ALA A 174 16.41 22.49 -12.32
C ALA A 174 15.11 21.75 -12.05
N TRP A 175 14.23 22.35 -11.24
CA TRP A 175 13.02 21.65 -10.89
C TRP A 175 12.18 21.29 -12.10
N THR A 176 12.28 22.08 -13.16
CA THR A 176 11.46 21.79 -14.35
C THR A 176 11.80 20.46 -15.00
N THR A 177 13.03 19.98 -14.81
CA THR A 177 13.45 18.71 -15.43
C THR A 177 12.75 17.51 -14.79
N GLN A 178 12.20 17.74 -13.60
CA GLN A 178 11.50 16.69 -12.88
C GLN A 178 10.13 16.37 -13.49
N ALA A 179 9.60 17.29 -14.29
CA ALA A 179 8.24 17.10 -14.82
C ALA A 179 8.16 15.98 -15.85
N PRO A 180 9.04 15.97 -16.87
CA PRO A 180 8.94 14.85 -17.84
C PRO A 180 9.26 13.52 -17.17
N LEU A 181 10.21 13.51 -16.24
CA LEU A 181 10.50 12.28 -15.52
C LEU A 181 9.23 11.76 -14.81
N ALA A 182 8.58 12.66 -14.08
CA ALA A 182 7.37 12.34 -13.32
C ALA A 182 6.25 11.89 -14.24
N SER A 183 6.10 12.59 -15.37
CA SER A 183 5.08 12.24 -16.35
C SER A 183 5.30 10.82 -16.85
N LEU A 184 6.53 10.56 -17.30
CA LEU A 184 6.89 9.28 -17.89
C LEU A 184 6.81 8.15 -16.90
N ALA A 185 7.32 8.40 -15.68
CA ALA A 185 7.37 7.38 -14.65
C ALA A 185 5.96 7.02 -14.19
N GLY A 186 5.06 7.99 -14.27
CA GLY A 186 3.65 7.76 -13.97
C GLY A 186 3.10 6.51 -14.62
N THR A 187 3.47 6.28 -15.89
CA THR A 187 3.01 5.10 -16.64
C THR A 187 3.98 3.91 -16.49
N LEU A 188 5.29 4.16 -16.49
CA LEU A 188 6.26 3.07 -16.49
C LEU A 188 6.50 2.43 -15.11
N VAL A 189 6.31 3.19 -14.04
CA VAL A 189 6.72 2.73 -12.72
C VAL A 189 5.59 2.86 -11.69
N PRO A 190 4.98 1.73 -11.32
CA PRO A 190 3.93 1.72 -10.29
C PRO A 190 4.48 2.18 -8.94
N GLU A 191 3.68 2.90 -8.17
CA GLU A 191 4.17 3.48 -6.92
C GLU A 191 4.65 2.42 -5.94
N SER A 192 4.16 1.18 -6.10
CA SER A 192 4.57 0.08 -5.27
C SER A 192 6.04 -0.21 -5.39
N GLU A 193 6.63 0.12 -6.54
CA GLU A 193 8.04 -0.14 -6.74
C GLU A 193 8.89 0.65 -5.75
N TYR A 194 8.40 1.76 -5.23
CA TYR A 194 9.22 2.57 -4.29
C TYR A 194 9.37 1.88 -2.92
N ALA A 195 8.39 1.09 -2.53
CA ALA A 195 8.52 0.23 -1.36
C ALA A 195 9.54 -0.89 -1.63
N ALA A 196 9.52 -1.47 -2.82
CA ALA A 196 10.51 -2.52 -3.16
C ALA A 196 11.93 -1.92 -3.21
N LEU A 197 12.01 -0.70 -3.67
CA LEU A 197 13.27 0.01 -3.75
C LEU A 197 13.86 0.28 -2.36
N LYS A 198 13.00 0.64 -1.41
CA LYS A 198 13.47 0.95 -0.07
C LYS A 198 13.92 -0.34 0.62
N SER A 199 13.24 -1.44 0.35
CA SER A 199 13.55 -2.72 0.98
C SER A 199 14.70 -3.41 0.23
N GLY A 200 15.05 -2.88 -0.93
CA GLY A 200 16.19 -3.37 -1.68
C GLY A 200 15.87 -4.50 -2.61
N ASP A 201 14.60 -4.75 -2.85
CA ASP A 201 14.21 -5.77 -3.82
C ASP A 201 14.09 -5.21 -5.24
N THR A 202 14.41 -3.92 -5.40
CA THR A 202 14.64 -3.38 -6.74
C THR A 202 15.62 -2.24 -6.68
N THR A 203 15.95 -1.68 -7.84
CA THR A 203 16.96 -0.66 -8.00
C THR A 203 16.56 0.38 -9.04
N PHE A 204 17.18 1.57 -8.94
CA PHE A 204 16.97 2.63 -9.92
C PHE A 204 17.31 2.18 -11.33
N LYS A 205 18.38 1.40 -11.47
CA LYS A 205 18.72 0.81 -12.76
C LYS A 205 17.51 0.11 -13.33
N GLN A 206 16.80 -0.63 -12.49
CA GLN A 206 15.67 -1.41 -12.98
C GLN A 206 14.39 -0.59 -13.26
N ILE A 207 14.16 0.48 -12.50
CA ILE A 207 12.90 1.19 -12.66
C ILE A 207 13.03 2.52 -13.38
N TRP A 208 14.16 3.19 -13.30
CA TRP A 208 14.27 4.54 -13.87
C TRP A 208 15.12 4.66 -15.13
N THR A 209 15.67 3.55 -15.58
CA THR A 209 16.44 3.57 -16.80
C THR A 209 15.58 4.00 -17.99
N GLU A 210 14.39 3.40 -18.12
CA GLU A 210 13.54 3.69 -19.27
C GLU A 210 12.98 5.12 -19.21
N PRO A 211 12.47 5.57 -18.05
CA PRO A 211 12.09 6.98 -17.92
C PRO A 211 13.20 7.96 -18.27
N ILE A 212 14.40 7.79 -17.73
CA ILE A 212 15.46 8.78 -18.04
C ILE A 212 15.91 8.69 -19.51
N GLU A 213 16.00 7.49 -20.05
CA GLU A 213 16.33 7.37 -21.49
C GLU A 213 15.34 8.15 -22.36
N LYS A 214 14.06 8.05 -22.03
CA LYS A 214 13.02 8.70 -22.82
C LYS A 214 12.99 10.21 -22.55
N GLU A 215 13.32 10.64 -21.33
CA GLU A 215 13.41 12.06 -21.06
C GLU A 215 14.56 12.67 -21.90
N ILE A 216 15.68 11.97 -21.99
CA ILE A 216 16.80 12.40 -22.86
C ILE A 216 16.34 12.48 -24.33
N GLU A 217 15.56 11.47 -24.76
CA GLU A 217 15.03 11.45 -26.13
C GLU A 217 14.14 12.65 -26.36
N LEU A 218 13.23 12.88 -25.42
CA LEU A 218 12.37 14.06 -25.48
C LEU A 218 13.14 15.35 -25.78
N PHE A 219 14.20 15.60 -25.03
CA PHE A 219 14.91 16.87 -25.13
C PHE A 219 15.89 16.96 -26.30
N LYS A 220 16.08 15.86 -27.02
CA LYS A 220 16.78 15.93 -28.29
C LYS A 220 15.95 16.71 -29.30
N TYR A 221 14.64 16.90 -29.02
CA TYR A 221 13.74 17.64 -29.91
C TYR A 221 13.50 19.08 -29.42
N ALA A 222 14.34 19.51 -28.49
CA ALA A 222 14.40 20.91 -28.11
C ALA A 222 15.44 21.56 -29.03
N ASP A 223 14.97 22.21 -30.09
CA ASP A 223 15.87 22.79 -31.09
C ASP A 223 16.16 24.27 -30.83
N SER A 224 16.12 24.70 -29.58
CA SER A 224 16.61 26.02 -29.22
C SER A 224 17.41 25.82 -27.97
N GLU A 225 18.10 26.88 -27.53
CA GLU A 225 18.95 26.80 -26.35
C GLU A 225 18.12 26.20 -25.20
N LYS A 226 18.57 25.04 -24.72
CA LYS A 226 17.85 24.29 -23.70
C LYS A 226 18.03 24.95 -22.34
N GLY A 227 19.18 25.60 -22.13
CA GLY A 227 19.56 26.11 -20.83
C GLY A 227 19.03 27.50 -20.51
N VAL A 228 17.72 27.68 -20.68
CA VAL A 228 17.09 28.95 -20.32
C VAL A 228 16.17 28.76 -19.11
N THR A 229 15.76 29.87 -18.50
CA THR A 229 14.91 29.81 -17.30
C THR A 229 13.46 29.39 -17.58
N TYR A 230 12.75 28.97 -16.53
CA TYR A 230 11.31 28.73 -16.56
C TYR A 230 10.53 29.91 -17.18
N GLN A 231 10.84 31.12 -16.73
CA GLN A 231 10.17 32.34 -17.22
C GLN A 231 10.47 32.59 -18.71
N GLN A 232 11.72 32.38 -19.10
CA GLN A 232 12.11 32.57 -20.49
C GLN A 232 11.38 31.61 -21.40
N GLY A 233 11.29 30.35 -20.95
CA GLY A 233 10.69 29.30 -21.73
C GLY A 233 9.20 29.52 -21.86
N THR A 234 8.54 29.91 -20.76
CA THR A 234 7.10 30.20 -20.81
C THR A 234 6.82 31.44 -21.67
N GLN A 235 7.69 32.45 -21.60
CA GLN A 235 7.61 33.57 -22.54
C GLN A 235 7.75 33.08 -24.00
N ASN A 236 8.80 32.31 -24.31
CA ASN A 236 8.98 31.81 -25.68
C ASN A 236 7.73 31.09 -26.19
N PHE A 237 7.19 30.22 -25.35
CA PHE A 237 6.05 29.39 -25.74
C PHE A 237 4.80 30.24 -25.98
N ALA A 238 4.59 31.21 -25.11
CA ALA A 238 3.49 32.15 -25.25
C ALA A 238 3.59 32.96 -26.55
N LYS A 239 4.81 33.21 -27.00
CA LYS A 239 5.01 34.02 -28.20
C LYS A 239 5.00 33.15 -29.46
N GLY A 240 4.70 31.87 -29.29
CA GLY A 240 4.42 31.01 -30.43
C GLY A 240 5.63 30.38 -31.08
N THR A 241 6.74 30.28 -30.36
CA THR A 241 8.00 29.80 -30.93
C THR A 241 8.29 28.33 -30.62
N ALA A 242 7.36 27.62 -29.98
CA ALA A 242 7.53 26.18 -29.73
C ALA A 242 6.22 25.41 -29.70
N ALA A 243 6.25 24.19 -30.22
CA ALA A 243 5.02 23.40 -30.34
C ALA A 243 4.52 22.97 -28.96
N ILE A 244 5.45 22.47 -28.13
CA ILE A 244 5.12 22.05 -26.77
C ILE A 244 6.10 22.55 -25.72
N ILE A 245 5.63 22.62 -24.49
CA ILE A 245 6.48 22.84 -23.33
C ILE A 245 6.12 21.79 -22.28
N PRO A 246 7.08 20.91 -21.95
CA PRO A 246 6.75 19.70 -21.20
C PRO A 246 6.66 19.94 -19.70
N LEU A 247 5.72 20.76 -19.31
CA LEU A 247 5.50 21.09 -17.92
C LEU A 247 4.05 20.78 -17.58
N GLY A 248 3.78 20.80 -16.28
CA GLY A 248 2.46 20.51 -15.76
C GLY A 248 1.53 21.71 -15.80
N THR A 249 0.30 21.47 -15.32
CA THR A 249 -0.81 22.42 -15.40
C THR A 249 -0.49 23.76 -14.71
N TYR A 250 0.32 23.71 -13.64
CA TYR A 250 0.71 24.89 -12.86
C TYR A 250 1.38 25.96 -13.73
N ALA A 251 1.95 25.56 -14.88
CA ALA A 251 2.62 26.54 -15.74
C ALA A 251 1.65 27.30 -16.64
N ILE A 252 0.43 26.79 -16.79
CA ILE A 252 -0.52 27.43 -17.72
C ILE A 252 -0.72 28.94 -17.46
N PRO A 253 -0.99 29.34 -16.21
CA PRO A 253 -1.17 30.78 -15.97
C PRO A 253 0.05 31.63 -16.29
N GLN A 254 1.25 31.10 -16.14
CA GLN A 254 2.45 31.85 -16.44
C GLN A 254 2.51 32.15 -17.94
N ILE A 255 1.94 31.25 -18.72
CA ILE A 255 1.92 31.39 -20.16
C ILE A 255 0.84 32.36 -20.59
N THR A 256 -0.36 32.22 -20.07
CA THR A 256 -1.46 33.06 -20.52
C THR A 256 -1.32 34.53 -20.09
N MSE A 257 -0.50 34.82 -19.10
CA MSE A 257 -0.32 36.20 -18.71
C MSE A 257 0.59 36.94 -19.67
O MSE A 257 0.56 38.16 -19.74
CB MSE A 257 0.26 36.28 -17.31
CG MSE A 257 1.69 35.88 -17.25
SE MSE A 257 2.49 36.26 -15.49
CE MSE A 257 2.45 38.23 -15.56
H MSE A 257 -0.04 34.24 -18.66
HA MSE A 257 -1.19 36.64 -18.69
HB2 MSE A 257 0.19 37.19 -16.99
HB3 MSE A 257 -0.24 35.68 -16.72
N VAL A 258 1.41 36.19 -20.41
CA VAL A 258 2.32 36.77 -21.40
C VAL A 258 1.55 36.97 -22.73
N ASN A 259 0.65 36.06 -23.05
CA ASN A 259 -0.20 36.17 -24.24
C ASN A 259 -1.57 35.59 -23.98
N LYS A 260 -2.54 36.48 -23.79
CA LYS A 260 -3.89 36.05 -23.47
C LYS A 260 -4.59 35.34 -24.63
N ASP A 261 -4.03 35.46 -25.84
CA ASP A 261 -4.67 34.88 -27.03
C ASP A 261 -4.11 33.52 -27.43
N ILE A 262 -3.09 33.03 -26.73
CA ILE A 262 -2.56 31.71 -27.03
C ILE A 262 -3.68 30.65 -26.90
N ASP A 263 -3.82 29.79 -27.90
CA ASP A 263 -4.78 28.69 -27.89
C ASP A 263 -4.05 27.41 -27.42
N LEU A 264 -4.26 27.08 -26.14
CA LEU A 264 -3.51 26.05 -25.44
C LEU A 264 -4.27 24.77 -25.24
N GLY A 265 -3.54 23.67 -25.24
CA GLY A 265 -4.06 22.38 -24.82
C GLY A 265 -3.13 21.76 -23.80
N PHE A 266 -3.66 20.85 -23.00
CA PHE A 266 -2.85 20.07 -22.08
C PHE A 266 -3.08 18.59 -22.30
N ALA A 267 -1.98 17.83 -22.32
CA ALA A 267 -2.03 16.41 -22.69
C ALA A 267 -1.19 15.51 -21.77
N GLN A 268 -1.58 14.26 -21.67
CA GLN A 268 -0.74 13.25 -21.01
C GLN A 268 0.41 12.93 -21.93
N MSE A 269 1.60 12.70 -21.38
CA MSE A 269 2.74 12.34 -22.21
C MSE A 269 2.84 10.83 -22.25
O MSE A 269 3.19 10.22 -21.26
CB MSE A 269 4.03 12.89 -21.64
CG MSE A 269 5.23 12.65 -22.57
SE MSE A 269 6.88 13.39 -21.70
CE MSE A 269 6.43 15.30 -21.87
H MSE A 269 1.76 12.75 -20.54
HA MSE A 269 2.62 12.69 -23.10
HB2 MSE A 269 3.94 13.85 -21.51
HB3 MSE A 269 4.22 12.46 -20.79
N PRO A 270 2.50 10.22 -23.38
CA PRO A 270 2.43 8.74 -23.37
C PRO A 270 3.81 8.09 -23.30
N ALA A 271 4.06 7.22 -22.30
CA ALA A 271 5.43 6.72 -22.07
C ALA A 271 5.77 5.41 -22.81
N THR A 272 4.75 4.74 -23.34
CA THR A 272 4.91 3.44 -23.98
C THR A 272 3.98 3.36 -25.18
N ASN A 273 4.03 2.23 -25.87
CA ASN A 273 3.13 1.96 -27.00
C ASN A 273 1.95 1.06 -26.62
N ASP A 274 1.64 1.03 -25.34
CA ASP A 274 0.44 0.40 -24.86
C ASP A 274 -0.56 1.54 -24.61
N ALA A 275 -1.36 1.85 -25.63
CA ALA A 275 -2.30 2.98 -25.56
C ALA A 275 -3.37 2.74 -24.51
N SER A 276 -3.72 1.48 -24.28
CA SER A 276 -4.76 1.13 -23.33
C SER A 276 -4.34 1.24 -21.86
N LYS A 277 -3.03 1.30 -21.59
CA LYS A 277 -2.54 1.37 -20.18
C LYS A 277 -1.73 2.63 -19.90
N GLN A 278 -2.22 3.77 -20.36
CA GLN A 278 -1.53 5.03 -20.06
C GLN A 278 -2.04 5.60 -18.76
N ILE A 279 -1.15 6.24 -18.00
CA ILE A 279 -1.50 6.83 -16.70
C ILE A 279 -1.05 8.30 -16.67
N LEU A 280 -1.85 9.14 -16.02
CA LEU A 280 -1.57 10.54 -15.86
C LEU A 280 -1.08 10.84 -14.44
N THR A 281 0.15 11.31 -14.36
CA THR A 281 0.68 11.80 -13.12
C THR A 281 -0.10 13.02 -12.64
N ALA A 282 -0.53 12.99 -11.39
CA ALA A 282 -1.41 14.03 -10.85
C ALA A 282 -1.27 14.05 -9.35
N GLY A 283 -1.23 15.24 -8.77
CA GLY A 283 -1.00 15.35 -7.35
C GLY A 283 -1.69 16.53 -6.71
N ASP A 284 -1.43 16.70 -5.42
CA ASP A 284 -1.98 17.79 -4.66
C ASP A 284 -1.04 18.98 -4.86
N ASP A 285 -1.41 19.87 -5.75
CA ASP A 285 -0.55 20.96 -6.14
C ASP A 285 -0.40 21.94 -4.99
N VAL A 286 -1.50 22.20 -4.29
CA VAL A 286 -1.48 23.10 -3.13
C VAL A 286 -2.16 22.40 -1.98
N ILE A 287 -1.44 22.29 -0.88
CA ILE A 287 -2.03 21.90 0.39
C ILE A 287 -2.13 23.13 1.28
N LEU A 288 -3.30 23.34 1.89
CA LEU A 288 -3.51 24.51 2.76
C LEU A 288 -3.49 24.04 4.19
N THR A 289 -2.64 24.62 5.02
CA THR A 289 -2.52 24.14 6.40
C THR A 289 -2.33 25.26 7.40
N MSE A 290 -2.16 24.91 8.68
CA MSE A 290 -2.00 25.87 9.75
C MSE A 290 -0.85 25.42 10.63
O MSE A 290 -0.67 24.23 10.84
CB MSE A 290 -3.29 25.94 10.59
CG MSE A 290 -3.23 26.86 11.78
SE MSE A 290 -4.96 26.90 12.79
CE MSE A 290 -5.14 24.99 13.30
H MSE A 290 -2.15 24.09 8.94
HA MSE A 290 -1.81 26.74 9.39
HB2 MSE A 290 -4.01 26.25 10.02
HB3 MSE A 290 -3.49 25.05 10.93
N GLY A 291 -0.07 26.38 11.15
CA GLY A 291 1.02 26.05 12.06
C GLY A 291 0.46 25.41 13.33
N ALA A 292 0.98 24.24 13.70
CA ALA A 292 0.43 23.53 14.86
C ALA A 292 0.47 24.38 16.14
N ASN A 293 1.49 25.24 16.23
CA ASN A 293 1.68 26.07 17.41
C ASN A 293 1.31 27.57 17.20
N SER A 294 0.47 27.85 16.20
CA SER A 294 -0.05 29.21 16.03
C SER A 294 -0.74 29.65 17.31
N ARG A 295 -0.62 30.94 17.62
CA ARG A 295 -1.30 31.56 18.76
C ARG A 295 -2.66 32.07 18.36
N HIS A 296 -2.97 32.00 17.07
CA HIS A 296 -4.23 32.53 16.53
C HIS A 296 -4.99 31.47 15.76
N LYS A 297 -5.20 30.30 16.38
CA LYS A 297 -5.78 29.18 15.63
C LYS A 297 -7.19 29.45 15.17
N GLU A 298 -7.99 30.11 16.01
CA GLU A 298 -9.40 30.35 15.65
C GLU A 298 -9.52 31.27 14.45
N GLN A 299 -8.71 32.34 14.46
CA GLN A 299 -8.69 33.28 13.36
C GLN A 299 -8.15 32.63 12.08
N SER A 300 -7.08 31.84 12.23
CA SER A 300 -6.48 31.12 11.12
C SER A 300 -7.49 30.18 10.47
N MSE A 301 -8.19 29.42 11.31
CA MSE A 301 -9.21 28.50 10.81
C MSE A 301 -10.28 29.28 10.06
O MSE A 301 -10.77 28.83 9.04
CB MSE A 301 -9.80 27.66 11.93
CG MSE A 301 -8.85 26.57 12.43
SE MSE A 301 -8.25 25.35 10.95
CE MSE A 301 -9.96 24.90 10.15
H MSE A 301 -8.10 29.41 12.16
HA MSE A 301 -8.78 27.89 10.18
HB2 MSE A 301 -9.99 28.24 12.69
HB3 MSE A 301 -10.62 27.23 11.63
N ARG A 302 -10.63 30.48 10.54
CA ARG A 302 -11.62 31.28 9.85
C ARG A 302 -11.17 31.60 8.41
N PHE A 303 -9.91 32.00 8.24
CA PHE A 303 -9.40 32.32 6.91
C PHE A 303 -9.40 31.03 6.05
N ILE A 304 -8.98 29.92 6.63
CA ILE A 304 -8.89 28.66 5.90
C ILE A 304 -10.28 28.18 5.39
N ARG A 305 -11.31 28.33 6.22
CA ARG A 305 -12.67 27.97 5.82
C ARG A 305 -13.12 28.87 4.68
N PHE A 306 -12.72 30.15 4.71
CA PHE A 306 -13.00 31.07 3.61
C PHE A 306 -12.34 30.63 2.29
N LEU A 307 -11.06 30.26 2.34
CA LEU A 307 -10.37 29.77 1.15
C LEU A 307 -10.99 28.47 0.62
N MSE A 308 -11.49 27.61 1.51
CA MSE A 308 -11.97 26.28 1.12
C MSE A 308 -13.45 26.23 0.71
O MSE A 308 -14.00 25.15 0.44
CB MSE A 308 -11.76 25.25 2.23
CG MSE A 308 -10.33 25.02 2.68
SE MSE A 308 -9.27 24.12 1.32
CE MSE A 308 -10.30 22.43 1.17
H MSE A 308 -11.57 27.77 2.35
HA MSE A 308 -11.45 25.98 0.35
HB2 MSE A 308 -12.25 25.54 3.01
HB3 MSE A 308 -12.10 24.39 1.93
N SER A 309 -14.12 27.38 0.69
CA SER A 309 -15.50 27.40 0.15
C SER A 309 -15.47 27.11 -1.34
N LYS A 310 -16.53 26.48 -1.84
CA LYS A 310 -16.59 26.12 -3.26
C LYS A 310 -16.32 27.33 -4.16
N LYS A 311 -16.97 28.46 -3.86
CA LYS A 311 -16.80 29.67 -4.64
C LYS A 311 -15.33 30.07 -4.84
N GLN A 312 -14.59 30.13 -3.74
CA GLN A 312 -13.18 30.49 -3.77
C GLN A 312 -12.38 29.43 -4.51
N LEU A 313 -12.69 28.15 -4.27
CA LEU A 313 -11.93 27.07 -4.91
C LEU A 313 -12.02 27.10 -6.42
N GLU A 314 -13.22 27.31 -6.94
CA GLU A 314 -13.47 27.36 -8.37
C GLU A 314 -12.93 28.64 -8.97
N ASN A 315 -12.98 29.71 -8.19
CA ASN A 315 -12.38 30.94 -8.63
C ASN A 315 -10.87 30.79 -8.75
N TYR A 316 -10.26 30.15 -7.77
CA TYR A 316 -8.84 29.86 -7.85
C TYR A 316 -8.54 28.96 -9.07
N ALA A 317 -9.31 27.90 -9.23
CA ALA A 317 -9.08 26.97 -10.32
C ALA A 317 -9.17 27.67 -11.68
N ASP A 318 -10.09 28.63 -11.80
CA ASP A 318 -10.19 29.39 -13.07
C ASP A 318 -8.95 30.25 -13.29
N ALA A 319 -8.45 30.88 -12.23
CA ALA A 319 -7.31 31.77 -12.38
C ALA A 319 -6.06 30.96 -12.74
N GLN A 320 -5.94 29.76 -12.18
CA GLN A 320 -4.68 29.02 -12.24
C GLN A 320 -4.71 27.74 -13.06
N SER A 321 -5.80 27.55 -13.81
CA SER A 321 -6.01 26.37 -14.63
C SER A 321 -5.77 25.08 -13.82
N ALA A 322 -6.29 25.08 -12.60
CA ALA A 322 -6.10 23.97 -11.70
C ALA A 322 -7.35 23.10 -11.61
N ILE A 323 -7.26 22.09 -10.77
CA ILE A 323 -8.32 21.13 -10.58
C ILE A 323 -8.77 21.28 -9.13
N THR A 324 -10.08 21.47 -8.90
CA THR A 324 -10.57 21.65 -7.52
C THR A 324 -10.49 20.33 -6.73
N PRO A 325 -10.42 20.40 -5.39
CA PRO A 325 -10.35 19.22 -4.52
C PRO A 325 -11.72 18.78 -3.99
N LEU A 326 -12.80 19.35 -4.51
CA LEU A 326 -14.15 18.91 -4.10
C LEU A 326 -14.53 17.56 -4.73
N LYS A 327 -15.48 16.86 -4.11
CA LYS A 327 -15.87 15.53 -4.60
C LYS A 327 -16.31 15.62 -6.05
N GLU A 328 -17.07 16.67 -6.35
CA GLU A 328 -17.50 16.97 -7.71
C GLU A 328 -16.42 17.87 -8.36
N THR A 329 -15.48 17.22 -9.03
CA THR A 329 -14.31 17.89 -9.56
C THR A 329 -14.68 18.95 -10.61
N TYR A 330 -14.07 20.11 -10.46
CA TYR A 330 -14.17 21.18 -11.44
C TYR A 330 -12.79 21.44 -12.09
N PHE A 331 -12.77 21.50 -13.42
CA PHE A 331 -11.55 21.80 -14.16
C PHE A 331 -11.53 23.27 -14.58
N GLY A 332 -10.47 23.97 -14.21
CA GLY A 332 -10.40 25.41 -14.35
C GLY A 332 -10.13 25.99 -15.73
N ASN A 333 -9.82 25.14 -16.70
CA ASN A 333 -9.52 25.59 -18.05
C ASN A 333 -9.87 24.49 -19.01
N LYS A 334 -10.51 24.86 -20.12
CA LYS A 334 -10.91 23.89 -21.14
C LYS A 334 -9.69 23.24 -21.81
N ALA A 335 -8.51 23.82 -21.61
CA ALA A 335 -7.28 23.21 -22.11
C ALA A 335 -7.07 21.80 -21.50
N LEU A 336 -7.71 21.55 -20.36
CA LEU A 336 -7.55 20.29 -19.63
C LEU A 336 -8.46 19.19 -20.16
N GLU A 337 -9.31 19.50 -21.13
CA GLU A 337 -10.26 18.51 -21.65
C GLU A 337 -9.62 17.19 -22.10
N PRO A 338 -8.47 17.25 -22.82
CA PRO A 338 -7.87 15.99 -23.25
C PRO A 338 -7.47 15.06 -22.12
N VAL A 339 -7.34 15.53 -20.88
CA VAL A 339 -6.96 14.61 -19.80
C VAL A 339 -8.13 14.29 -18.87
N ARG A 340 -9.30 14.83 -19.15
CA ARG A 340 -10.48 14.51 -18.32
C ARG A 340 -10.75 12.98 -18.17
N PRO A 341 -10.58 12.20 -19.24
CA PRO A 341 -10.77 10.74 -19.15
C PRO A 341 -9.90 10.02 -18.12
N PHE A 342 -8.68 10.48 -17.91
CA PHE A 342 -7.76 9.86 -16.96
C PHE A 342 -8.30 10.03 -15.55
N PHE A 343 -8.80 11.23 -15.25
CA PHE A 343 -9.36 11.52 -13.92
C PHE A 343 -10.67 10.73 -13.68
N GLU A 344 -11.52 10.69 -14.71
CA GLU A 344 -12.81 10.00 -14.58
C GLU A 344 -12.64 8.49 -14.38
N SER A 345 -11.61 7.93 -14.97
CA SER A 345 -11.35 6.49 -14.87
C SER A 345 -10.35 6.16 -13.77
N ASN A 346 -9.92 7.16 -13.02
CA ASN A 346 -8.96 6.95 -11.95
C ASN A 346 -7.61 6.40 -12.43
N ARG A 347 -7.27 6.68 -13.68
CA ARG A 347 -5.99 6.28 -14.24
C ARG A 347 -4.95 7.36 -13.99
N VAL A 348 -4.67 7.57 -12.71
CA VAL A 348 -3.74 8.60 -12.26
C VAL A 348 -2.70 8.01 -11.33
N ALA A 349 -1.64 8.77 -11.05
CA ALA A 349 -0.55 8.33 -10.18
C ALA A 349 0.11 9.56 -9.55
N ASP A 350 0.61 9.45 -8.33
CA ASP A 350 1.30 10.60 -7.72
C ASP A 350 2.76 10.65 -8.25
N PHE A 351 3.39 11.80 -8.12
CA PHE A 351 4.70 12.04 -8.70
C PHE A 351 5.76 11.10 -8.10
N CYS A 352 6.59 10.53 -8.98
CA CYS A 352 7.67 9.65 -8.55
C CYS A 352 8.58 10.34 -7.53
N ASP A 353 8.84 11.64 -7.73
CA ASP A 353 9.80 12.34 -6.87
C ASP A 353 9.29 12.63 -5.45
N HIS A 354 8.03 12.29 -5.19
CA HIS A 354 7.49 12.37 -3.84
C HIS A 354 7.99 11.23 -2.95
N TYR A 355 8.71 10.28 -3.55
CA TYR A 355 9.30 9.18 -2.82
C TYR A 355 10.80 9.43 -2.62
N ILE A 356 11.30 10.54 -3.14
CA ILE A 356 12.73 10.82 -3.14
C ILE A 356 13.03 11.88 -2.08
N PRO A 357 13.87 11.53 -1.11
CA PRO A 357 14.21 12.46 -0.04
C PRO A 357 14.71 13.79 -0.57
N SER A 358 14.29 14.86 0.11
CA SER A 358 14.69 16.23 -0.25
C SER A 358 16.19 16.41 -0.18
N SER A 359 16.88 15.64 0.64
CA SER A 359 18.36 15.75 0.72
C SER A 359 19.05 15.26 -0.57
N ILE A 360 18.31 14.56 -1.44
CA ILE A 360 18.87 14.08 -2.70
C ILE A 360 18.62 15.09 -3.83
N ASN A 361 19.69 15.57 -4.44
CA ASN A 361 19.59 16.63 -5.46
C ASN A 361 19.15 16.09 -6.82
N ILE A 362 17.93 15.56 -6.88
CA ILE A 362 17.40 14.99 -8.11
C ILE A 362 17.40 15.96 -9.27
N GLY A 363 17.02 17.20 -9.03
CA GLY A 363 17.04 18.24 -10.04
C GLY A 363 18.39 18.44 -10.74
N GLY A 364 19.44 18.55 -9.95
CA GLY A 364 20.76 18.72 -10.49
C GLY A 364 21.22 17.52 -11.30
N TYR A 365 21.01 16.32 -10.77
CA TYR A 365 21.38 15.10 -11.45
C TYR A 365 20.62 15.03 -12.77
N LEU A 366 19.34 15.37 -12.75
CA LEU A 366 18.54 15.28 -13.98
C LEU A 366 19.03 16.24 -15.04
N GLN A 367 19.31 17.49 -14.64
CA GLN A 367 19.76 18.45 -15.63
C GLN A 367 21.10 17.94 -16.20
N SER A 368 21.94 17.29 -15.40
CA SER A 368 23.18 16.76 -15.95
C SER A 368 22.92 15.60 -16.93
N ALA A 369 21.95 14.75 -16.63
CA ALA A 369 21.65 13.60 -17.48
C ALA A 369 21.10 14.05 -18.84
N ILE A 370 20.24 15.05 -18.82
CA ILE A 370 19.59 15.57 -20.02
C ILE A 370 20.62 16.18 -20.96
N MSE A 371 21.48 17.02 -20.41
CA MSE A 371 22.52 17.68 -21.21
C MSE A 371 23.59 16.70 -21.67
O MSE A 371 24.01 16.75 -22.80
CB MSE A 371 23.20 18.82 -20.41
CG MSE A 371 22.30 20.01 -20.12
SE MSE A 371 21.71 20.90 -21.77
CE MSE A 371 23.33 21.77 -22.31
H MSE A 371 21.50 17.23 -19.57
HA MSE A 371 22.11 18.08 -21.99
HB2 MSE A 371 23.50 18.46 -19.56
HB3 MSE A 371 23.96 19.14 -20.92
N SER A 372 24.02 15.81 -20.78
CA SER A 372 25.16 14.93 -21.07
C SER A 372 24.76 13.63 -21.74
N GLY A 373 23.53 13.17 -21.49
CA GLY A 373 23.11 11.85 -21.96
C GLY A 373 23.68 10.68 -21.13
N ASN A 374 24.39 10.98 -20.05
CA ASN A 374 25.05 9.93 -19.25
C ASN A 374 24.09 9.28 -18.24
N VAL A 375 23.38 8.26 -18.72
CA VAL A 375 22.41 7.52 -17.93
C VAL A 375 23.06 6.79 -16.76
N ASN A 376 24.17 6.10 -17.03
CA ASN A 376 24.91 5.36 -15.99
C ASN A 376 25.26 6.22 -14.79
N GLN A 377 25.75 7.42 -15.07
CA GLN A 377 26.12 8.32 -13.99
C GLN A 377 24.89 8.78 -13.20
N PHE A 378 23.78 9.04 -13.89
CA PHE A 378 22.54 9.46 -13.24
C PHE A 378 22.03 8.38 -12.28
N ILE A 379 21.95 7.15 -12.78
CA ILE A 379 21.44 6.01 -12.01
C ILE A 379 22.29 5.73 -10.78
N ASP A 380 23.60 5.77 -10.96
CA ASP A 380 24.52 5.49 -9.87
C ASP A 380 24.43 6.58 -8.78
N SER A 381 24.34 7.84 -9.20
CA SER A 381 24.19 8.94 -8.25
C SER A 381 22.90 8.78 -7.43
N MSE A 382 21.78 8.52 -8.10
CA MSE A 382 20.50 8.28 -7.45
C MSE A 382 20.61 7.09 -6.48
O MSE A 382 20.20 7.17 -5.32
CB MSE A 382 19.40 8.00 -8.48
CG MSE A 382 19.01 9.18 -9.36
SE MSE A 382 18.35 10.63 -8.19
CE MSE A 382 17.07 9.59 -7.11
H MSE A 382 21.75 8.47 -8.96
HA MSE A 382 20.25 9.08 -6.94
HB2 MSE A 382 19.70 7.30 -9.07
HB3 MSE A 382 18.60 7.72 -8.01
N GLN A 383 21.19 6.00 -6.95
CA GLN A 383 21.22 4.78 -6.17
C GLN A 383 22.09 4.93 -4.92
N ASN A 384 23.25 5.54 -5.08
CA ASN A 384 24.15 5.68 -3.97
C ASN A 384 23.62 6.63 -2.92
N GLU A 385 23.03 7.74 -3.34
CA GLU A 385 22.46 8.68 -2.37
C GLU A 385 21.31 8.03 -1.60
N TRP A 386 20.49 7.26 -2.33
CA TRP A 386 19.37 6.56 -1.77
C TRP A 386 19.82 5.54 -0.73
N ASN A 387 20.85 4.77 -1.09
CA ASN A 387 21.33 3.69 -0.25
C ASN A 387 21.81 4.23 1.08
N LYS A 388 22.40 5.42 1.03
CA LYS A 388 22.91 6.11 2.21
C LYS A 388 21.79 6.63 3.13
N GLN B 8 -18.09 -7.41 42.47
CA GLN B 8 -17.55 -8.28 41.42
C GLN B 8 -18.29 -8.16 40.08
N VAL B 9 -17.63 -8.61 39.00
CA VAL B 9 -18.22 -8.62 37.67
C VAL B 9 -17.93 -9.94 36.94
N THR B 10 -18.74 -10.23 35.93
CA THR B 10 -18.53 -11.36 35.06
C THR B 10 -18.26 -10.87 33.63
N LEU B 11 -17.15 -11.29 33.05
CA LEU B 11 -16.80 -10.94 31.68
C LEU B 11 -17.21 -12.06 30.71
N ASP B 12 -17.68 -11.65 29.53
CA ASP B 12 -17.84 -12.53 28.38
C ASP B 12 -16.56 -12.49 27.56
N PHE B 13 -15.95 -13.67 27.44
CA PHE B 13 -14.70 -13.86 26.70
C PHE B 13 -15.06 -14.65 25.46
N PHE B 14 -15.09 -14.01 24.31
CA PHE B 14 -15.27 -14.74 23.07
C PHE B 14 -13.91 -15.29 22.61
N GLN B 15 -13.80 -16.60 22.46
CA GLN B 15 -12.51 -17.22 22.17
C GLN B 15 -12.62 -18.01 20.86
N PHE B 16 -12.08 -17.47 19.76
CA PHE B 16 -12.34 -18.06 18.43
C PHE B 16 -11.70 -19.42 18.14
N LYS B 17 -10.58 -19.71 18.78
CA LYS B 17 -9.72 -20.79 18.34
C LYS B 17 -10.07 -22.16 18.88
N ALA B 18 -10.50 -23.07 18.00
CA ALA B 18 -10.92 -24.39 18.44
C ALA B 18 -9.78 -25.14 19.14
N GLU B 19 -8.58 -25.08 18.55
CA GLU B 19 -7.45 -25.88 19.02
C GLU B 19 -6.92 -25.48 20.41
N ALA B 20 -7.28 -24.29 20.90
CA ALA B 20 -6.71 -23.74 22.13
C ALA B 20 -7.75 -23.62 23.25
N ALA B 21 -8.86 -24.34 23.10
CA ALA B 21 -9.97 -24.22 24.06
C ALA B 21 -9.52 -24.54 25.50
N ASP B 22 -8.84 -25.67 25.70
CA ASP B 22 -8.36 -26.05 27.04
C ASP B 22 -7.39 -25.06 27.64
N TRP B 23 -6.47 -24.53 26.83
CA TRP B 23 -5.49 -23.57 27.32
C TRP B 23 -6.17 -22.29 27.81
N PHE B 24 -7.14 -21.80 27.07
CA PHE B 24 -7.78 -20.55 27.48
C PHE B 24 -8.70 -20.78 28.67
N LYS B 25 -9.30 -21.97 28.72
CA LYS B 25 -10.10 -22.38 29.86
C LYS B 25 -9.25 -22.34 31.12
N GLN B 26 -8.07 -22.95 31.08
CA GLN B 26 -7.19 -23.01 32.24
C GLN B 26 -6.62 -21.64 32.60
N ALA B 27 -6.28 -20.86 31.57
CA ALA B 27 -5.74 -19.52 31.79
C ALA B 27 -6.76 -18.63 32.52
N ALA B 28 -8.00 -18.65 32.02
CA ALA B 28 -9.09 -17.91 32.59
C ALA B 28 -9.30 -18.31 34.06
N GLN B 29 -9.32 -19.62 34.34
CA GLN B 29 -9.50 -20.09 35.73
C GLN B 29 -8.39 -19.65 36.66
N GLU B 30 -7.16 -19.69 36.18
CA GLU B 30 -6.03 -19.19 36.95
C GLU B 30 -6.21 -17.70 37.30
N PHE B 31 -6.58 -16.89 36.31
CA PHE B 31 -6.79 -15.46 36.56
C PHE B 31 -7.93 -15.26 37.57
N GLU B 32 -9.05 -15.97 37.39
CA GLU B 32 -10.16 -15.86 38.35
C GLU B 32 -9.71 -16.18 39.75
N LYS B 33 -8.81 -17.15 39.90
CA LYS B 33 -8.38 -17.56 41.24
C LYS B 33 -7.59 -16.44 41.92
N GLU B 34 -6.82 -15.67 41.15
CA GLU B 34 -6.05 -14.56 41.71
C GLU B 34 -6.83 -13.25 41.71
N ASN B 35 -7.99 -13.26 41.08
CA ASN B 35 -8.79 -12.04 40.92
C ASN B 35 -10.24 -12.36 41.18
N PRO B 36 -10.57 -12.58 42.47
CA PRO B 36 -11.88 -13.08 42.90
C PRO B 36 -13.02 -12.10 42.62
N ASP B 37 -12.69 -10.86 42.29
CA ASP B 37 -13.67 -9.87 41.87
C ASP B 37 -14.03 -9.97 40.36
N ILE B 38 -13.39 -10.89 39.63
CA ILE B 38 -13.62 -11.04 38.19
C ILE B 38 -13.91 -12.50 37.90
N ARG B 39 -15.07 -12.73 37.31
CA ARG B 39 -15.47 -14.02 36.80
C ARG B 39 -15.38 -13.96 35.29
N ILE B 40 -14.99 -15.07 34.68
CA ILE B 40 -14.88 -15.13 33.24
C ILE B 40 -15.68 -16.27 32.72
N ASN B 41 -16.65 -15.95 31.85
CA ASN B 41 -17.43 -16.92 31.10
C ASN B 41 -16.94 -16.97 29.63
N ILE B 42 -16.40 -18.11 29.24
CA ILE B 42 -15.91 -18.31 27.88
C ILE B 42 -16.99 -18.86 26.94
N ASN B 43 -17.16 -18.17 25.82
CA ASN B 43 -17.88 -18.74 24.68
C ASN B 43 -16.86 -19.17 23.62
N PHE B 56 -21.95 -9.29 18.06
CA PHE B 56 -20.99 -8.23 18.43
C PHE B 56 -21.60 -6.85 18.32
N VAL B 57 -22.91 -6.82 18.47
CA VAL B 57 -23.66 -5.59 18.45
C VAL B 57 -23.32 -4.82 19.72
N LYS B 58 -23.40 -3.49 19.66
CA LYS B 58 -22.91 -2.65 20.75
C LYS B 58 -23.43 -3.12 22.14
N ASP B 59 -24.74 -3.34 22.28
CA ASP B 59 -25.27 -3.61 23.61
C ASP B 59 -24.93 -5.01 24.17
N ARG B 60 -24.37 -5.92 23.35
CA ARG B 60 -23.98 -7.25 23.86
C ARG B 60 -22.55 -7.68 23.47
N VAL B 61 -21.72 -6.73 23.08
CA VAL B 61 -20.36 -7.09 22.63
C VAL B 61 -19.58 -7.79 23.75
N PRO B 62 -18.85 -8.88 23.43
CA PRO B 62 -18.02 -9.51 24.45
C PRO B 62 -16.96 -8.55 24.96
N ASP B 63 -16.59 -8.76 26.22
CA ASP B 63 -15.58 -7.93 26.86
C ASP B 63 -14.16 -8.22 26.37
N VAL B 64 -13.78 -9.51 26.30
CA VAL B 64 -12.43 -9.88 25.83
C VAL B 64 -12.64 -10.79 24.65
N ILE B 65 -11.82 -10.64 23.62
CA ILE B 65 -12.06 -11.32 22.34
C ILE B 65 -10.73 -11.87 21.78
N THR B 66 -10.73 -13.12 21.35
CA THR B 66 -9.67 -13.53 20.43
C THR B 66 -10.28 -13.72 19.07
N PHE B 67 -9.54 -13.28 18.07
CA PHE B 67 -9.94 -13.38 16.67
C PHE B 67 -8.71 -13.76 15.88
N ASN B 68 -8.89 -14.56 14.83
CA ASN B 68 -7.81 -14.70 13.85
C ASN B 68 -7.54 -13.35 13.19
N GLY B 69 -6.28 -13.11 12.84
CA GLY B 69 -5.90 -11.86 12.20
C GLY B 69 -6.14 -11.88 10.70
N ASP B 70 -7.39 -11.69 10.28
CA ASP B 70 -7.75 -11.81 8.86
C ASP B 70 -8.67 -10.69 8.42
N TYR B 71 -9.25 -10.86 7.23
CA TYR B 71 -10.14 -9.85 6.65
C TYR B 71 -11.34 -9.53 7.54
N SER B 72 -11.90 -10.57 8.13
CA SER B 72 -13.04 -10.40 9.04
C SER B 72 -12.68 -9.52 10.25
N PHE B 73 -11.52 -9.81 10.86
CA PHE B 73 -10.99 -8.95 11.93
C PHE B 73 -10.96 -7.52 11.44
N GLY B 74 -10.41 -7.34 10.25
CA GLY B 74 -10.25 -6.02 9.65
C GLY B 74 -11.57 -5.31 9.42
N THR B 75 -12.59 -6.06 9.05
CA THR B 75 -13.90 -5.50 8.81
C THR B 75 -14.52 -5.07 10.14
N PHE B 76 -14.46 -5.95 11.13
CA PHE B 76 -14.99 -5.63 12.46
C PHE B 76 -14.24 -4.44 13.02
N ALA B 77 -12.92 -4.38 12.79
CA ALA B 77 -12.13 -3.25 13.29
C ALA B 77 -12.57 -1.90 12.70
N ALA B 78 -12.74 -1.91 11.38
CA ALA B 78 -13.17 -0.74 10.64
C ALA B 78 -14.56 -0.25 11.09
N SER B 79 -15.43 -1.16 11.52
CA SER B 79 -16.77 -0.84 12.02
C SER B 79 -16.81 -0.32 13.45
N GLY B 80 -15.70 -0.34 14.17
CA GLY B 80 -15.69 0.20 15.52
C GLY B 80 -16.07 -0.77 16.62
N VAL B 81 -16.11 -2.07 16.30
CA VAL B 81 -16.43 -3.08 17.31
C VAL B 81 -15.35 -3.17 18.40
N PHE B 82 -14.09 -2.94 18.05
CA PHE B 82 -12.98 -3.19 18.94
C PHE B 82 -12.38 -1.89 19.51
N HIS B 83 -11.91 -1.97 20.75
CA HIS B 83 -11.18 -0.91 21.43
C HIS B 83 -9.94 -0.51 20.64
N ASP B 84 -9.64 0.79 20.63
CA ASP B 84 -8.48 1.30 19.92
C ASP B 84 -7.26 1.16 20.85
N PHE B 85 -6.35 0.26 20.50
CA PHE B 85 -5.17 -0.01 21.34
C PHE B 85 -3.96 0.82 20.93
N THR B 86 -4.14 1.72 19.96
CA THR B 86 -2.99 2.37 19.29
C THR B 86 -1.94 2.98 20.25
N ASP B 87 -2.36 3.69 21.27
CA ASP B 87 -1.39 4.34 22.17
C ASP B 87 -1.00 3.50 23.41
N ASP B 88 -1.55 2.29 23.55
CA ASP B 88 -1.39 1.52 24.79
C ASP B 88 0.09 1.20 25.07
N PRO B 89 0.52 1.42 26.32
CA PRO B 89 1.92 1.17 26.67
C PRO B 89 2.42 -0.24 26.37
N LEU B 90 1.51 -1.20 26.34
CA LEU B 90 1.85 -2.59 26.06
C LEU B 90 2.45 -2.76 24.66
N VAL B 91 2.03 -1.90 23.73
CA VAL B 91 2.41 -2.05 22.32
C VAL B 91 3.92 -1.97 22.15
N SER B 92 4.57 -1.12 22.93
CA SER B 92 6.00 -0.90 22.82
C SER B 92 6.78 -2.20 23.09
N GLU B 93 6.14 -3.18 23.71
CA GLU B 93 6.82 -4.44 24.02
C GLU B 93 6.74 -5.45 22.86
N LEU B 94 6.01 -5.09 21.80
CA LEU B 94 5.67 -6.05 20.73
C LEU B 94 6.44 -5.88 19.43
N ASN B 95 6.65 -7.04 18.80
CA ASN B 95 7.17 -7.19 17.45
C ASN B 95 6.52 -6.21 16.50
N GLU B 96 7.31 -5.27 15.96
CA GLU B 96 6.75 -4.19 15.14
C GLU B 96 6.10 -4.67 13.88
N GLY B 97 6.65 -5.71 13.26
CA GLY B 97 6.04 -6.26 12.07
C GLY B 97 4.64 -6.79 12.34
N MSE B 98 4.47 -7.47 13.46
CA MSE B 98 3.16 -8.06 13.77
C MSE B 98 2.17 -6.98 14.18
O MSE B 98 0.97 -7.10 13.92
CB MSE B 98 3.30 -9.12 14.86
CG MSE B 98 4.20 -10.28 14.45
SE MSE B 98 4.31 -11.64 15.91
CE MSE B 98 2.50 -12.28 16.03
H MSE B 98 5.07 -7.60 14.06
HA MSE B 98 2.83 -8.50 12.98
HB2 MSE B 98 3.68 -8.71 15.65
HB3 MSE B 98 2.43 -9.47 15.07
N VAL B 99 2.65 -5.91 14.82
CA VAL B 99 1.78 -4.80 15.10
C VAL B 99 1.28 -4.18 13.79
N ASN B 100 2.19 -3.95 12.85
CA ASN B 100 1.81 -3.33 11.58
C ASN B 100 0.89 -4.19 10.74
N ILE B 101 1.09 -5.51 10.80
CA ILE B 101 0.17 -6.43 10.16
C ILE B 101 -1.25 -6.13 10.68
N ALA B 102 -1.39 -6.03 12.00
CA ALA B 102 -2.69 -5.79 12.62
C ALA B 102 -3.31 -4.46 12.17
N LYS B 103 -2.49 -3.41 12.12
CA LYS B 103 -2.96 -2.10 11.64
C LYS B 103 -3.43 -2.17 10.19
N ASN B 104 -2.66 -2.87 9.36
CA ASN B 104 -2.94 -2.93 7.94
C ASN B 104 -4.13 -3.83 7.59
N LEU B 105 -4.54 -4.66 8.53
CA LEU B 105 -5.73 -5.50 8.31
C LEU B 105 -7.03 -4.70 8.27
N VAL B 106 -7.05 -3.54 8.92
CA VAL B 106 -8.27 -2.75 8.99
C VAL B 106 -8.81 -2.50 7.59
N GLN B 107 -10.07 -2.85 7.36
CA GLN B 107 -10.63 -2.78 6.01
C GLN B 107 -11.23 -1.39 5.77
N THR B 108 -10.36 -0.48 5.33
CA THR B 108 -10.70 0.90 5.05
C THR B 108 -9.78 1.39 3.93
N SER B 109 -10.23 2.36 3.13
CA SER B 109 -9.34 2.97 2.13
C SER B 109 -8.70 4.24 2.68
N ASP B 110 -9.04 4.59 3.93
CA ASP B 110 -8.52 5.78 4.59
C ASP B 110 -7.27 5.43 5.39
N PRO B 111 -6.08 5.86 4.96
CA PRO B 111 -4.83 5.55 5.66
C PRO B 111 -4.85 5.88 7.17
N ALA B 112 -5.50 6.97 7.55
CA ALA B 112 -5.54 7.40 8.94
C ALA B 112 -6.38 6.48 9.81
N LYS B 113 -7.20 5.62 9.18
CA LYS B 113 -8.07 4.70 9.91
C LYS B 113 -7.40 3.34 10.14
N LYS B 114 -6.14 3.24 9.71
CA LYS B 114 -5.33 2.05 9.94
C LYS B 114 -4.76 2.04 11.37
N ARG B 115 -5.67 2.09 12.33
CA ARG B 115 -5.29 2.13 13.74
C ARG B 115 -5.17 0.71 14.27
N LEU B 116 -4.65 0.58 15.49
CA LEU B 116 -4.48 -0.73 16.11
C LEU B 116 -5.68 -1.08 16.98
N TYR B 117 -6.38 -2.12 16.58
CA TYR B 117 -7.62 -2.49 17.23
C TYR B 117 -7.57 -3.85 17.94
N GLY B 118 -6.36 -4.30 18.25
CA GLY B 118 -6.14 -5.50 19.04
C GLY B 118 -4.64 -5.67 19.19
N LEU B 119 -4.22 -6.53 20.11
CA LEU B 119 -2.82 -6.81 20.34
C LEU B 119 -2.49 -8.18 19.77
N PRO B 120 -1.46 -8.25 18.91
CA PRO B 120 -0.97 -9.56 18.49
C PRO B 120 -0.57 -10.37 19.70
N PHE B 121 -1.12 -11.59 19.76
CA PHE B 121 -0.95 -12.50 20.89
C PHE B 121 -0.13 -13.73 20.48
N ALA B 122 -0.23 -14.12 19.21
CA ALA B 122 0.52 -15.27 18.70
C ALA B 122 0.64 -15.22 17.19
N GLY B 123 1.77 -15.66 16.68
CA GLY B 123 1.99 -15.70 15.25
C GLY B 123 1.93 -17.12 14.75
N ASN B 124 1.73 -17.25 13.44
CA ASN B 124 1.75 -18.54 12.81
C ASN B 124 2.66 -18.47 11.61
N ALA B 125 2.73 -19.59 10.88
CA ALA B 125 3.28 -19.63 9.54
C ALA B 125 2.50 -20.66 8.77
N SER B 126 2.44 -20.51 7.45
CA SER B 126 1.77 -21.47 6.59
C SER B 126 2.83 -22.21 5.76
N GLY B 127 2.62 -23.51 5.56
CA GLY B 127 3.59 -24.32 4.84
C GLY B 127 3.16 -25.75 4.95
N TYR B 128 4.02 -26.61 5.45
CA TYR B 128 3.62 -27.99 5.71
C TYR B 128 4.32 -28.61 6.89
N ILE B 129 3.56 -29.44 7.59
CA ILE B 129 4.05 -30.21 8.71
C ILE B 129 4.47 -31.56 8.15
N TYR B 130 5.64 -32.03 8.55
CA TYR B 130 6.15 -33.30 8.04
C TYR B 130 6.65 -34.22 9.14
N ASN B 131 6.60 -35.50 8.83
CA ASN B 131 6.99 -36.58 9.73
C ASN B 131 8.47 -36.85 9.55
N LYS B 132 9.27 -36.50 10.54
CA LYS B 132 10.73 -36.65 10.44
C LYS B 132 11.21 -38.10 10.25
N ASP B 133 10.58 -39.05 10.91
CA ASP B 133 10.97 -40.44 10.76
C ASP B 133 10.73 -40.90 9.31
N LEU B 134 9.65 -40.43 8.70
CA LEU B 134 9.38 -40.76 7.31
C LEU B 134 10.35 -40.07 6.37
N PHE B 135 10.73 -38.82 6.67
CA PHE B 135 11.81 -38.16 5.92
C PHE B 135 13.06 -39.08 5.90
N ARG B 136 13.45 -39.58 7.07
CA ARG B 136 14.65 -40.40 7.15
C ARG B 136 14.52 -41.69 6.33
N LYS B 137 13.32 -42.28 6.35
CA LYS B 137 13.12 -43.54 5.65
C LYS B 137 13.42 -43.41 4.15
N VAL B 138 13.24 -42.22 3.61
CA VAL B 138 13.51 -42.02 2.19
C VAL B 138 14.80 -41.23 1.94
N GLY B 139 15.65 -41.14 2.97
CA GLY B 139 16.97 -40.52 2.85
C GLY B 139 17.01 -38.99 2.78
N LEU B 140 15.92 -38.35 3.21
CA LEU B 140 15.88 -36.90 3.22
C LEU B 140 16.37 -36.39 4.56
N ASP B 141 16.88 -35.16 4.54
CA ASP B 141 17.42 -34.51 5.75
C ASP B 141 16.31 -33.75 6.49
N PRO B 142 15.93 -34.22 7.67
CA PRO B 142 14.83 -33.58 8.42
C PRO B 142 15.11 -32.13 8.88
N ASP B 143 16.38 -31.72 8.90
CA ASP B 143 16.74 -30.37 9.32
C ASP B 143 16.85 -29.41 8.13
N ASN B 144 16.82 -29.97 6.91
CA ASN B 144 16.87 -29.16 5.69
C ASN B 144 15.86 -29.57 4.60
N PRO B 145 14.59 -29.19 4.79
CA PRO B 145 13.53 -29.55 3.83
C PRO B 145 13.77 -28.93 2.46
N PRO B 146 13.08 -29.44 1.43
CA PRO B 146 13.25 -28.98 0.04
C PRO B 146 13.22 -27.47 -0.09
N GLN B 147 14.08 -26.89 -0.92
CA GLN B 147 14.17 -25.43 -1.08
C GLN B 147 13.53 -24.88 -2.36
N THR B 148 13.23 -25.75 -3.30
CA THR B 148 12.66 -25.32 -4.58
C THR B 148 11.44 -26.20 -4.88
N TRP B 149 10.54 -25.71 -5.73
CA TRP B 149 9.37 -26.47 -6.13
C TRP B 149 9.77 -27.84 -6.68
N ASP B 150 10.73 -27.89 -7.61
CA ASP B 150 11.15 -29.17 -8.18
C ASP B 150 11.62 -30.16 -7.08
N GLU B 151 12.36 -29.69 -6.08
CA GLU B 151 12.82 -30.54 -4.99
C GLU B 151 11.67 -31.02 -4.12
N PHE B 152 10.67 -30.16 -3.92
CA PHE B 152 9.48 -30.49 -3.15
C PHE B 152 8.67 -31.61 -3.84
N ILE B 153 8.42 -31.46 -5.14
CA ILE B 153 7.71 -32.47 -5.91
C ILE B 153 8.51 -33.78 -5.93
N ALA B 154 9.84 -33.65 -6.03
CA ALA B 154 10.70 -34.79 -6.07
C ALA B 154 10.52 -35.58 -4.81
N MSE B 155 10.44 -34.86 -3.70
CA MSE B 155 10.20 -35.48 -2.39
C MSE B 155 8.85 -36.23 -2.32
O MSE B 155 8.77 -37.33 -1.77
CB MSE B 155 10.23 -34.43 -1.29
CG MSE B 155 9.59 -34.92 -0.04
SE MSE B 155 9.45 -33.53 1.30
CE MSE B 155 7.87 -32.54 0.61
H MSE B 155 10.52 -34.01 -3.66
HA MSE B 155 10.91 -36.12 -2.21
HB2 MSE B 155 11.15 -34.20 -1.09
HB3 MSE B 155 9.75 -33.64 -1.59
N LEU B 156 7.79 -35.62 -2.83
CA LEU B 156 6.49 -36.31 -2.85
C LEU B 156 6.54 -37.65 -3.67
N LYS B 157 7.21 -37.64 -4.81
CA LYS B 157 7.38 -38.85 -5.65
C LYS B 157 8.15 -39.96 -4.95
N LYS B 158 9.18 -39.54 -4.23
CA LYS B 158 10.00 -40.42 -3.44
C LYS B 158 9.14 -41.14 -2.38
N PHE B 159 8.22 -40.39 -1.75
CA PHE B 159 7.34 -41.01 -0.77
C PHE B 159 6.43 -42.02 -1.43
N ARG B 160 5.84 -41.65 -2.56
CA ARG B 160 4.97 -42.57 -3.30
C ARG B 160 5.72 -43.86 -3.71
N ASP B 161 6.94 -43.71 -4.24
CA ASP B 161 7.76 -44.84 -4.67
C ASP B 161 7.98 -45.79 -3.53
N ALA B 162 8.07 -45.24 -2.31
CA ALA B 162 8.32 -46.05 -1.14
C ALA B 162 7.05 -46.64 -0.57
N GLY B 163 5.91 -46.36 -1.19
CA GLY B 163 4.66 -46.92 -0.68
C GLY B 163 4.04 -46.11 0.44
N ILE B 164 4.55 -44.91 0.65
CA ILE B 164 4.03 -44.03 1.68
C ILE B 164 3.09 -42.99 1.05
N ASN B 165 1.98 -42.72 1.72
CA ASN B 165 1.08 -41.65 1.31
C ASN B 165 1.78 -40.30 1.44
N PRO B 166 2.00 -39.61 0.31
CA PRO B 166 2.81 -38.39 0.48
C PRO B 166 2.06 -37.29 1.21
N VAL B 167 0.80 -37.04 0.88
CA VAL B 167 0.07 -35.87 1.38
C VAL B 167 -1.27 -36.24 2.05
N GLN B 168 -1.52 -35.70 3.24
CA GLN B 168 -2.82 -35.86 3.88
C GLN B 168 -3.69 -34.66 3.56
N ALA B 169 -4.67 -34.87 2.70
CA ALA B 169 -5.68 -33.85 2.39
C ALA B 169 -6.76 -33.80 3.47
N THR B 170 -7.49 -32.68 3.56
CA THR B 170 -8.60 -32.54 4.49
C THR B 170 -9.70 -31.67 3.86
N LEU B 171 -10.10 -32.04 2.66
CA LEU B 171 -10.99 -31.21 1.83
C LEU B 171 -12.38 -30.99 2.44
N ALA B 172 -12.86 -31.93 3.24
CA ALA B 172 -14.20 -31.80 3.84
C ALA B 172 -14.32 -30.54 4.71
N ASP B 173 -13.21 -30.10 5.30
CA ASP B 173 -13.16 -28.78 5.97
C ASP B 173 -12.52 -27.76 5.03
N ALA B 174 -13.38 -26.97 4.38
CA ALA B 174 -12.98 -26.12 3.24
C ALA B 174 -11.85 -25.14 3.55
N TRP B 175 -11.84 -24.60 4.76
CA TRP B 175 -10.83 -23.61 5.09
C TRP B 175 -9.42 -24.18 4.95
N THR B 176 -9.28 -25.48 5.20
CA THR B 176 -7.93 -26.06 5.14
C THR B 176 -7.31 -25.94 3.76
N THR B 177 -8.11 -25.86 2.70
CA THR B 177 -7.61 -25.70 1.31
C THR B 177 -7.00 -24.32 1.03
N GLN B 178 -7.27 -23.36 1.89
CA GLN B 178 -6.69 -22.02 1.78
C GLN B 178 -5.22 -22.03 2.18
N ALA B 179 -4.77 -23.04 2.93
CA ALA B 179 -3.38 -23.03 3.41
C ALA B 179 -2.38 -23.25 2.26
N PRO B 180 -2.59 -24.26 1.42
CA PRO B 180 -1.56 -24.32 0.36
C PRO B 180 -1.57 -23.12 -0.59
N LEU B 181 -2.75 -22.56 -0.88
CA LEU B 181 -2.82 -21.39 -1.76
C LEU B 181 -1.99 -20.26 -1.16
N ALA B 182 -2.24 -19.99 0.11
CA ALA B 182 -1.54 -18.93 0.82
C ALA B 182 -0.05 -19.21 0.87
N SER B 183 0.33 -20.46 1.12
CA SER B 183 1.75 -20.78 1.21
C SER B 183 2.41 -20.45 -0.12
N LEU B 184 1.80 -20.95 -1.19
CA LEU B 184 2.32 -20.79 -2.54
C LEU B 184 2.30 -19.33 -2.97
N ALA B 185 1.19 -18.65 -2.69
CA ALA B 185 1.05 -17.26 -3.13
C ALA B 185 2.03 -16.38 -2.38
N GLY B 186 2.40 -16.78 -1.18
CA GLY B 186 3.39 -16.05 -0.39
C GLY B 186 4.63 -15.72 -1.18
N THR B 187 5.09 -16.68 -1.98
CA THR B 187 6.28 -16.51 -2.80
C THR B 187 5.91 -15.96 -4.18
N LEU B 188 4.80 -16.42 -4.72
CA LEU B 188 4.50 -16.09 -6.12
C LEU B 188 3.90 -14.71 -6.34
N VAL B 189 3.23 -14.17 -5.32
CA VAL B 189 2.40 -12.97 -5.49
C VAL B 189 2.71 -11.93 -4.41
N PRO B 190 3.40 -10.84 -4.77
CA PRO B 190 3.61 -9.75 -3.80
C PRO B 190 2.29 -9.13 -3.33
N GLU B 191 2.23 -8.71 -2.07
CA GLU B 191 0.98 -8.21 -1.50
C GLU B 191 0.48 -6.96 -2.24
N SER B 192 1.38 -6.24 -2.93
CA SER B 192 1.00 -5.06 -3.70
C SER B 192 0.04 -5.39 -4.83
N GLU B 193 0.07 -6.64 -5.29
CA GLU B 193 -0.78 -7.04 -6.40
C GLU B 193 -2.25 -6.92 -6.02
N TYR B 194 -2.56 -7.00 -4.72
CA TYR B 194 -3.95 -6.94 -4.28
C TYR B 194 -4.52 -5.52 -4.39
N ALA B 195 -3.66 -4.52 -4.23
CA ALA B 195 -4.06 -3.14 -4.46
C ALA B 195 -4.35 -2.94 -5.97
N ALA B 196 -3.48 -3.52 -6.80
CA ALA B 196 -3.64 -3.44 -8.25
C ALA B 196 -4.92 -4.16 -8.70
N LEU B 197 -5.24 -5.25 -8.03
CA LEU B 197 -6.43 -6.03 -8.34
C LEU B 197 -7.68 -5.21 -8.04
N LYS B 198 -7.64 -4.47 -6.94
CA LYS B 198 -8.80 -3.72 -6.50
C LYS B 198 -9.08 -2.56 -7.45
N SER B 199 -8.03 -1.98 -8.02
CA SER B 199 -8.18 -0.87 -8.96
C SER B 199 -8.45 -1.36 -10.39
N GLY B 200 -8.27 -2.66 -10.62
CA GLY B 200 -8.52 -3.25 -11.92
C GLY B 200 -7.32 -3.24 -12.84
N ASP B 201 -6.13 -2.97 -12.28
CA ASP B 201 -4.88 -2.99 -13.06
C ASP B 201 -4.24 -4.38 -13.07
N THR B 202 -4.90 -5.34 -12.45
CA THR B 202 -4.57 -6.74 -12.69
C THR B 202 -5.78 -7.61 -12.41
N THR B 203 -5.61 -8.90 -12.62
CA THR B 203 -6.71 -9.85 -12.58
C THR B 203 -6.24 -11.14 -11.91
N PHE B 204 -7.20 -11.91 -11.40
CA PHE B 204 -6.90 -13.23 -10.85
C PHE B 204 -6.21 -14.13 -11.91
N LYS B 205 -6.64 -14.02 -13.16
CA LYS B 205 -6.01 -14.77 -14.23
C LYS B 205 -4.48 -14.57 -14.25
N GLN B 206 -4.04 -13.34 -14.04
CA GLN B 206 -2.62 -13.02 -14.12
C GLN B 206 -1.83 -13.41 -12.87
N ILE B 207 -2.48 -13.42 -11.70
CA ILE B 207 -1.75 -13.59 -10.45
C ILE B 207 -1.98 -14.94 -9.76
N TRP B 208 -3.17 -15.52 -9.94
CA TRP B 208 -3.52 -16.76 -9.21
C TRP B 208 -3.57 -18.03 -10.04
N THR B 209 -3.30 -17.92 -11.33
CA THR B 209 -3.23 -19.11 -12.20
C THR B 209 -2.14 -20.10 -11.75
N GLU B 210 -0.91 -19.62 -11.53
CA GLU B 210 0.17 -20.51 -11.11
C GLU B 210 -0.02 -21.04 -9.69
N PRO B 211 -0.41 -20.18 -8.73
CA PRO B 211 -0.75 -20.74 -7.42
C PRO B 211 -1.77 -21.88 -7.48
N ILE B 212 -2.89 -21.70 -8.18
CA ILE B 212 -3.91 -22.73 -8.19
C ILE B 212 -3.44 -23.98 -8.97
N GLU B 213 -2.71 -23.80 -10.08
CA GLU B 213 -2.18 -24.95 -10.80
C GLU B 213 -1.32 -25.77 -9.86
N LYS B 214 -0.50 -25.10 -9.05
CA LYS B 214 0.40 -25.81 -8.16
C LYS B 214 -0.30 -26.42 -6.95
N GLU B 215 -1.38 -25.80 -6.46
CA GLU B 215 -2.16 -26.42 -5.40
C GLU B 215 -2.84 -27.69 -5.93
N ILE B 216 -3.39 -27.65 -7.14
CA ILE B 216 -3.98 -28.84 -7.75
C ILE B 216 -2.94 -29.94 -7.87
N GLU B 217 -1.73 -29.59 -8.32
CA GLU B 217 -0.64 -30.53 -8.45
C GLU B 217 -0.26 -31.16 -7.12
N LEU B 218 -0.07 -30.32 -6.11
CA LEU B 218 0.21 -30.80 -4.76
C LEU B 218 -0.73 -31.95 -4.37
N PHE B 219 -2.04 -31.75 -4.57
CA PHE B 219 -3.01 -32.73 -4.10
C PHE B 219 -3.15 -33.97 -5.03
N LYS B 220 -2.41 -33.99 -6.14
CA LYS B 220 -2.27 -35.23 -6.93
C LYS B 220 -1.53 -36.29 -6.13
N TYR B 221 -0.81 -35.86 -5.10
CA TYR B 221 0.00 -36.73 -4.27
C TYR B 221 -0.66 -37.05 -2.94
N ALA B 222 -1.96 -36.76 -2.86
CA ALA B 222 -2.79 -37.21 -1.76
C ALA B 222 -3.32 -38.58 -2.15
N ASP B 223 -2.60 -39.61 -1.72
CA ASP B 223 -2.88 -41.00 -2.11
C ASP B 223 -3.77 -41.70 -1.06
N SER B 224 -4.66 -40.93 -0.45
CA SER B 224 -5.74 -41.47 0.38
C SER B 224 -7.00 -40.68 0.05
N GLU B 225 -8.14 -41.07 0.63
CA GLU B 225 -9.38 -40.31 0.46
C GLU B 225 -9.12 -38.84 0.78
N LYS B 226 -9.34 -37.97 -0.19
CA LYS B 226 -9.12 -36.55 0.00
C LYS B 226 -10.21 -35.83 0.79
N GLY B 227 -11.46 -36.26 0.65
CA GLY B 227 -12.60 -35.57 1.24
C GLY B 227 -12.89 -35.97 2.67
N VAL B 228 -11.85 -35.89 3.52
CA VAL B 228 -11.99 -36.17 4.93
C VAL B 228 -11.87 -34.86 5.72
N THR B 229 -12.27 -34.92 6.97
CA THR B 229 -12.24 -33.75 7.83
C THR B 229 -10.83 -33.38 8.31
N TYR B 230 -10.70 -32.15 8.79
CA TYR B 230 -9.51 -31.68 9.48
C TYR B 230 -9.10 -32.66 10.58
N GLN B 231 -10.08 -33.05 11.36
CA GLN B 231 -9.84 -33.92 12.49
C GLN B 231 -9.38 -35.29 12.01
N GLN B 232 -10.02 -35.82 10.96
CA GLN B 232 -9.61 -37.13 10.41
C GLN B 232 -8.19 -37.06 9.89
N GLY B 233 -7.83 -35.96 9.23
CA GLY B 233 -6.50 -35.83 8.63
C GLY B 233 -5.37 -35.72 9.64
N THR B 234 -5.58 -34.91 10.67
CA THR B 234 -4.58 -34.77 11.72
C THR B 234 -4.43 -36.08 12.51
N GLN B 235 -5.52 -36.81 12.73
CA GLN B 235 -5.40 -38.14 13.33
C GLN B 235 -4.56 -39.07 12.45
N ASN B 236 -4.89 -39.16 11.16
CA ASN B 236 -4.15 -40.02 10.22
C ASN B 236 -2.68 -39.70 10.32
N PHE B 237 -2.38 -38.40 10.29
CA PHE B 237 -1.00 -37.96 10.25
C PHE B 237 -0.28 -38.30 11.55
N ALA B 238 -0.96 -38.09 12.67
CA ALA B 238 -0.41 -38.39 13.99
C ALA B 238 -0.06 -39.86 14.10
N LYS B 239 -0.83 -40.70 13.40
CA LYS B 239 -0.61 -42.15 13.48
C LYS B 239 0.37 -42.69 12.43
N GLY B 240 1.00 -41.76 11.71
CA GLY B 240 2.11 -42.11 10.84
C GLY B 240 1.74 -42.51 9.43
N THR B 241 0.55 -42.14 8.95
CA THR B 241 0.06 -42.62 7.66
C THR B 241 0.22 -41.64 6.48
N ALA B 242 0.84 -40.48 6.71
CA ALA B 242 1.16 -39.56 5.61
C ALA B 242 2.46 -38.81 5.93
N ALA B 243 3.27 -38.57 4.89
CA ALA B 243 4.59 -37.93 5.05
C ALA B 243 4.38 -36.47 5.41
N ILE B 244 3.45 -35.79 4.73
CA ILE B 244 3.18 -34.41 5.06
C ILE B 244 1.69 -34.10 5.18
N ILE B 245 1.39 -33.06 5.94
CA ILE B 245 0.05 -32.48 5.95
C ILE B 245 0.24 -30.96 5.72
N PRO B 246 -0.28 -30.46 4.58
CA PRO B 246 0.06 -29.11 4.12
C PRO B 246 -0.75 -28.01 4.81
N LEU B 247 -0.60 -27.92 6.13
CA LEU B 247 -1.31 -26.95 6.92
C LEU B 247 -0.30 -26.13 7.71
N GLY B 248 -0.77 -25.03 8.29
CA GLY B 248 0.09 -24.16 9.04
C GLY B 248 0.36 -24.66 10.45
N THR B 249 1.13 -23.85 11.16
CA THR B 249 1.62 -24.18 12.49
C THR B 249 0.50 -24.44 13.50
N TYR B 250 -0.61 -23.72 13.31
CA TYR B 250 -1.77 -23.81 14.19
C TYR B 250 -2.30 -25.25 14.29
N ALA B 251 -2.02 -26.11 13.30
CA ALA B 251 -2.51 -27.51 13.31
C ALA B 251 -1.67 -28.50 14.17
N ILE B 252 -0.46 -28.09 14.52
CA ILE B 252 0.45 -28.96 15.27
C ILE B 252 -0.14 -29.50 16.60
N PRO B 253 -0.74 -28.62 17.42
CA PRO B 253 -1.37 -29.17 18.63
C PRO B 253 -2.48 -30.19 18.41
N GLN B 254 -3.20 -30.12 17.29
CA GLN B 254 -4.26 -31.09 17.01
C GLN B 254 -3.65 -32.44 16.74
N ILE B 255 -2.44 -32.40 16.20
CA ILE B 255 -1.74 -33.61 15.86
C ILE B 255 -1.12 -34.23 17.12
N THR B 256 -0.44 -33.43 17.93
CA THR B 256 0.23 -34.01 19.11
C THR B 256 -0.72 -34.47 20.20
N MSE B 257 -1.93 -33.90 20.26
CA MSE B 257 -2.91 -34.40 21.22
C MSE B 257 -3.35 -35.84 20.89
O MSE B 257 -3.91 -36.53 21.76
CB MSE B 257 -4.11 -33.45 21.35
CG MSE B 257 -4.97 -33.32 20.11
SE MSE B 257 -6.89 -33.01 20.48
CE MSE B 257 -7.37 -34.76 21.19
H MSE B 257 -2.20 -33.26 19.76
HA MSE B 257 -2.48 -34.42 22.09
HB2 MSE B 257 -4.68 -33.77 22.06
HB3 MSE B 257 -3.78 -32.56 21.56
N VAL B 258 -3.12 -36.31 19.66
CA VAL B 258 -3.42 -37.69 19.30
C VAL B 258 -2.22 -38.59 19.58
N ASN B 259 -1.02 -38.08 19.32
CA ASN B 259 0.21 -38.81 19.56
C ASN B 259 1.30 -37.82 19.94
N LYS B 260 1.57 -37.68 21.24
CA LYS B 260 2.54 -36.68 21.70
C LYS B 260 3.99 -36.98 21.33
N ASP B 261 4.27 -38.19 20.89
CA ASP B 261 5.65 -38.61 20.60
C ASP B 261 6.02 -38.47 19.13
N ILE B 262 5.07 -38.01 18.31
CA ILE B 262 5.33 -37.83 16.89
C ILE B 262 6.53 -36.90 16.74
N ASP B 263 7.49 -37.29 15.91
CA ASP B 263 8.64 -36.46 15.64
C ASP B 263 8.39 -35.61 14.40
N LEU B 264 8.08 -34.34 14.65
CA LEU B 264 7.58 -33.41 13.65
C LEU B 264 8.51 -32.33 13.29
N GLY B 265 8.36 -31.91 12.04
CA GLY B 265 9.00 -30.72 11.53
C GLY B 265 7.99 -29.81 10.86
N PHE B 266 8.36 -28.53 10.77
CA PHE B 266 7.59 -27.57 9.99
C PHE B 266 8.46 -26.85 8.94
N ALA B 267 7.97 -26.78 7.72
CA ALA B 267 8.75 -26.25 6.61
C ALA B 267 7.97 -25.29 5.72
N GLN B 268 8.70 -24.38 5.11
CA GLN B 268 8.16 -23.52 4.07
C GLN B 268 7.92 -24.32 2.81
N MSE B 269 6.80 -24.08 2.14
CA MSE B 269 6.51 -24.80 0.88
C MSE B 269 7.02 -23.97 -0.29
O MSE B 269 6.45 -22.91 -0.60
CB MSE B 269 4.99 -25.06 0.74
CG MSE B 269 4.61 -25.87 -0.47
SE MSE B 269 2.64 -26.08 -0.70
CE MSE B 269 2.32 -27.13 0.96
H MSE B 269 6.21 -23.51 2.36
HA MSE B 269 6.97 -25.65 0.89
HB2 MSE B 269 4.70 -25.55 1.53
HB3 MSE B 269 4.53 -24.21 0.69
N PRO B 270 8.13 -24.41 -0.94
CA PRO B 270 8.70 -23.62 -2.02
C PRO B 270 7.85 -23.64 -3.29
N ALA B 271 7.52 -22.45 -3.76
CA ALA B 271 6.57 -22.29 -4.87
C ALA B 271 7.22 -22.21 -6.22
N THR B 272 8.54 -21.97 -6.25
CA THR B 272 9.29 -21.76 -7.50
C THR B 272 10.63 -22.47 -7.42
N ASN B 273 11.40 -22.44 -8.50
CA ASN B 273 12.73 -23.03 -8.50
C ASN B 273 13.79 -21.96 -8.33
N ASP B 274 13.38 -20.83 -7.77
CA ASP B 274 14.30 -19.76 -7.42
C ASP B 274 14.57 -19.77 -5.89
N ALA B 275 15.66 -20.43 -5.49
CA ALA B 275 15.93 -20.60 -4.07
C ALA B 275 16.20 -19.28 -3.37
N SER B 276 16.83 -18.33 -4.07
CA SER B 276 17.15 -17.05 -3.46
C SER B 276 15.93 -16.17 -3.17
N LYS B 277 14.79 -16.47 -3.77
CA LYS B 277 13.59 -15.62 -3.58
C LYS B 277 12.42 -16.39 -3.00
N GLN B 278 12.66 -17.19 -1.95
CA GLN B 278 11.56 -17.88 -1.28
C GLN B 278 11.06 -17.02 -0.12
N ILE B 279 9.75 -17.04 0.10
CA ILE B 279 9.10 -16.28 1.16
C ILE B 279 8.20 -17.22 1.97
N LEU B 280 8.13 -16.96 3.27
CA LEU B 280 7.26 -17.69 4.17
C LEU B 280 6.04 -16.87 4.55
N THR B 281 4.88 -17.39 4.15
CA THR B 281 3.63 -16.79 4.55
C THR B 281 3.47 -16.90 6.05
N ALA B 282 3.16 -15.80 6.70
CA ALA B 282 3.11 -15.79 8.16
C ALA B 282 2.24 -14.63 8.62
N GLY B 283 1.44 -14.85 9.65
CA GLY B 283 0.54 -13.80 10.11
C GLY B 283 0.26 -13.75 11.59
N ASP B 284 -0.65 -12.87 11.97
CA ASP B 284 -1.06 -12.78 13.36
C ASP B 284 -2.12 -13.83 13.54
N ASP B 285 -1.75 -14.96 14.12
CA ASP B 285 -2.66 -16.08 14.23
C ASP B 285 -3.78 -15.76 15.20
N VAL B 286 -3.43 -15.03 16.27
CA VAL B 286 -4.38 -14.64 17.28
C VAL B 286 -4.21 -13.16 17.61
N ILE B 287 -5.29 -12.40 17.47
CA ILE B 287 -5.32 -11.02 17.96
C ILE B 287 -6.24 -10.97 19.18
N LEU B 288 -5.75 -10.39 20.25
CA LEU B 288 -6.45 -10.30 21.50
C LEU B 288 -6.99 -8.88 21.64
N THR B 289 -8.30 -8.74 21.82
CA THR B 289 -8.88 -7.42 21.86
C THR B 289 -10.02 -7.28 22.85
N MSE B 290 -10.68 -6.13 22.86
CA MSE B 290 -11.72 -5.80 23.86
C MSE B 290 -12.85 -5.10 23.14
O MSE B 290 -12.60 -4.29 22.25
CB MSE B 290 -11.12 -4.93 24.96
CG MSE B 290 -12.06 -4.42 26.05
SE MSE B 290 -11.07 -3.48 27.51
CE MSE B 290 -10.33 -1.95 26.47
H MSE B 290 -10.55 -5.51 22.30
HA MSE B 290 -12.05 -6.62 24.26
HB2 MSE B 290 -10.42 -5.43 25.41
HB3 MSE B 290 -10.72 -4.15 24.54
N GLY B 291 -14.10 -5.45 23.48
CA GLY B 291 -15.24 -4.77 22.91
C GLY B 291 -15.14 -3.27 23.18
N ALA B 292 -15.25 -2.45 22.14
CA ALA B 292 -15.21 -0.98 22.27
C ALA B 292 -16.29 -0.50 23.24
N ASN B 293 -17.41 -1.22 23.27
CA ASN B 293 -18.56 -0.88 24.11
C ASN B 293 -18.73 -1.78 25.35
N SER B 294 -17.65 -2.47 25.73
CA SER B 294 -17.60 -3.27 26.96
C SER B 294 -17.92 -2.38 28.13
N ARG B 295 -18.63 -2.93 29.12
CA ARG B 295 -18.95 -2.17 30.31
C ARG B 295 -17.95 -2.36 31.43
N HIS B 296 -17.00 -3.27 31.26
CA HIS B 296 -16.03 -3.59 32.32
C HIS B 296 -14.60 -3.47 31.82
N LYS B 297 -14.23 -2.32 31.28
CA LYS B 297 -12.92 -2.19 30.64
C LYS B 297 -11.75 -2.34 31.58
N GLU B 298 -11.86 -1.83 32.80
CA GLU B 298 -10.75 -1.94 33.73
C GLU B 298 -10.48 -3.40 34.05
N GLN B 299 -11.54 -4.16 34.27
CA GLN B 299 -11.36 -5.57 34.55
C GLN B 299 -10.87 -6.33 33.31
N SER B 300 -11.46 -6.03 32.16
CA SER B 300 -11.09 -6.67 30.90
C SER B 300 -9.60 -6.49 30.62
N MSE B 301 -9.14 -5.26 30.84
CA MSE B 301 -7.74 -4.93 30.60
C MSE B 301 -6.82 -5.69 31.57
O MSE B 301 -5.74 -6.13 31.15
CB MSE B 301 -7.54 -3.41 30.68
CG MSE B 301 -8.03 -2.63 29.44
SE MSE B 301 -7.13 -3.27 27.81
CE MSE B 301 -5.22 -3.10 28.37
H MSE B 301 -9.61 -4.61 31.13
HA MSE B 301 -7.52 -5.20 29.70
HB2 MSE B 301 -8.01 -3.07 31.46
HB3 MSE B 301 -6.59 -3.23 30.78
N ARG B 302 -7.22 -5.86 32.83
CA ARG B 302 -6.41 -6.66 33.77
C ARG B 302 -6.20 -8.07 33.23
N PHE B 303 -7.27 -8.67 32.71
CA PHE B 303 -7.17 -10.01 32.17
C PHE B 303 -6.27 -10.02 30.92
N ILE B 304 -6.43 -9.03 30.05
CA ILE B 304 -5.62 -8.92 28.83
C ILE B 304 -4.13 -8.77 29.18
N ARG B 305 -3.82 -7.96 30.19
CA ARG B 305 -2.43 -7.80 30.60
C ARG B 305 -1.84 -9.08 31.16
N PHE B 306 -2.66 -9.86 31.84
CA PHE B 306 -2.26 -11.18 32.35
C PHE B 306 -1.92 -12.11 31.16
N LEU B 307 -2.80 -12.16 30.16
CA LEU B 307 -2.57 -12.99 28.97
C LEU B 307 -1.31 -12.58 28.19
N MSE B 308 -1.08 -11.27 28.16
CA MSE B 308 0.04 -10.68 27.41
C MSE B 308 1.40 -10.68 28.16
O MSE B 308 2.42 -10.17 27.65
CB MSE B 308 -0.35 -9.23 27.05
CG MSE B 308 -1.51 -9.13 26.04
SE MSE B 308 -1.11 -9.94 24.27
CE MSE B 308 0.64 -9.10 23.89
H MSE B 308 -1.55 -10.69 28.57
HA MSE B 308 0.15 -11.17 26.59
HB2 MSE B 308 -0.61 -8.77 27.85
HB3 MSE B 308 0.42 -8.80 26.65
N SER B 309 1.45 -11.26 29.35
CA SER B 309 2.69 -11.36 30.08
C SER B 309 3.56 -12.47 29.45
N LYS B 310 4.87 -12.28 29.53
CA LYS B 310 5.81 -13.21 28.90
C LYS B 310 5.53 -14.66 29.33
N LYS B 311 5.36 -14.85 30.62
CA LYS B 311 5.06 -16.17 31.16
C LYS B 311 3.83 -16.80 30.46
N GLN B 312 2.71 -16.06 30.34
CA GLN B 312 1.54 -16.60 29.68
C GLN B 312 1.78 -16.80 28.17
N LEU B 313 2.41 -15.82 27.51
CA LEU B 313 2.61 -15.88 26.06
C LEU B 313 3.43 -17.13 25.72
N GLU B 314 4.49 -17.40 26.50
CA GLU B 314 5.38 -18.54 26.24
C GLU B 314 4.75 -19.87 26.60
N ASN B 315 3.96 -19.93 27.69
CA ASN B 315 3.21 -21.17 27.98
C ASN B 315 2.23 -21.43 26.84
N TYR B 316 1.56 -20.39 26.38
CA TYR B 316 0.66 -20.53 25.24
C TYR B 316 1.39 -21.08 24.03
N ALA B 317 2.51 -20.45 23.69
CA ALA B 317 3.31 -20.85 22.54
C ALA B 317 3.78 -22.29 22.64
N ASP B 318 4.14 -22.71 23.85
CA ASP B 318 4.55 -24.10 24.05
C ASP B 318 3.37 -25.01 23.79
N ALA B 319 2.19 -24.61 24.26
CA ALA B 319 1.01 -25.45 24.15
C ALA B 319 0.60 -25.61 22.71
N GLN B 320 0.76 -24.53 21.92
CA GLN B 320 0.15 -24.43 20.59
C GLN B 320 1.16 -24.34 19.42
N SER B 321 2.44 -24.60 19.73
CA SER B 321 3.51 -24.53 18.73
C SER B 321 3.48 -23.22 17.96
N ALA B 322 3.28 -22.11 18.69
CA ALA B 322 3.17 -20.81 18.06
C ALA B 322 4.44 -19.98 18.25
N ILE B 323 4.39 -18.75 17.77
CA ILE B 323 5.48 -17.78 17.81
C ILE B 323 4.99 -16.59 18.66
N THR B 324 5.72 -16.23 19.73
CA THR B 324 5.26 -15.14 20.61
C THR B 324 5.40 -13.80 19.91
N PRO B 325 4.59 -12.81 20.30
CA PRO B 325 4.61 -11.50 19.65
C PRO B 325 5.52 -10.48 20.34
N LEU B 326 6.31 -10.93 21.30
CA LEU B 326 7.25 -10.03 21.95
C LEU B 326 8.42 -9.69 21.02
N LYS B 327 9.07 -8.56 21.25
CA LYS B 327 10.15 -8.13 20.37
C LYS B 327 11.23 -9.22 20.29
N GLU B 328 11.48 -9.87 21.42
CA GLU B 328 12.40 -10.98 21.47
C GLU B 328 11.63 -12.30 21.21
N THR B 329 11.59 -12.71 19.95
CA THR B 329 10.74 -13.81 19.53
C THR B 329 11.05 -15.14 20.22
N TYR B 330 10.01 -15.80 20.71
CA TYR B 330 10.14 -17.16 21.20
C TYR B 330 9.36 -18.16 20.35
N PHE B 331 10.04 -19.25 19.96
CA PHE B 331 9.40 -20.32 19.20
C PHE B 331 8.99 -21.45 20.11
N GLY B 332 7.71 -21.80 20.06
CA GLY B 332 7.15 -22.71 21.02
C GLY B 332 7.44 -24.18 20.80
N ASN B 333 8.04 -24.54 19.66
CA ASN B 333 8.31 -25.95 19.39
C ASN B 333 9.54 -26.02 18.46
N LYS B 334 10.46 -26.93 18.76
CA LYS B 334 11.67 -27.08 17.93
C LYS B 334 11.33 -27.55 16.51
N ALA B 335 10.10 -27.99 16.28
CA ALA B 335 9.61 -28.34 14.94
C ALA B 335 9.67 -27.15 13.96
N LEU B 336 9.69 -25.96 14.54
CA LEU B 336 9.71 -24.73 13.78
C LEU B 336 11.11 -24.30 13.37
N GLU B 337 12.16 -25.00 13.81
CA GLU B 337 13.52 -24.56 13.48
C GLU B 337 13.76 -24.35 11.98
N PRO B 338 13.26 -25.24 11.12
CA PRO B 338 13.51 -25.08 9.67
C PRO B 338 12.98 -23.79 9.09
N VAL B 339 12.09 -23.09 9.76
CA VAL B 339 11.61 -21.82 9.20
C VAL B 339 12.15 -20.62 9.97
N ARG B 340 12.92 -20.87 11.02
CA ARG B 340 13.53 -19.77 11.77
C ARG B 340 14.30 -18.78 10.85
N PRO B 341 15.05 -19.31 9.85
CA PRO B 341 15.73 -18.36 8.96
C PRO B 341 14.80 -17.37 8.26
N PHE B 342 13.58 -17.79 7.93
CA PHE B 342 12.65 -16.90 7.21
C PHE B 342 12.28 -15.69 8.08
N PHE B 343 12.02 -15.96 9.35
CA PHE B 343 11.67 -14.94 10.31
C PHE B 343 12.87 -14.04 10.63
N GLU B 344 14.03 -14.64 10.86
CA GLU B 344 15.22 -13.86 11.22
C GLU B 344 15.64 -12.92 10.09
N SER B 345 15.37 -13.29 8.86
CA SER B 345 15.72 -12.46 7.71
C SER B 345 14.53 -11.62 7.18
N ASN B 346 13.39 -11.68 7.85
CA ASN B 346 12.20 -10.96 7.35
C ASN B 346 11.76 -11.35 5.93
N ARG B 347 12.01 -12.60 5.54
CA ARG B 347 11.51 -13.12 4.26
C ARG B 347 10.11 -13.70 4.48
N VAL B 348 9.20 -12.82 4.86
CA VAL B 348 7.85 -13.22 5.18
C VAL B 348 6.83 -12.37 4.42
N ALA B 349 5.58 -12.85 4.42
CA ALA B 349 4.46 -12.18 3.75
C ALA B 349 3.15 -12.55 4.44
N ASP B 350 2.17 -11.65 4.47
CA ASP B 350 0.88 -11.96 5.11
C ASP B 350 0.03 -12.76 4.13
N PHE B 351 -1.00 -13.42 4.65
CA PHE B 351 -1.80 -14.33 3.84
C PHE B 351 -2.53 -13.63 2.70
N CYS B 352 -2.51 -14.23 1.50
CA CYS B 352 -3.24 -13.66 0.36
C CYS B 352 -4.73 -13.51 0.66
N ASP B 353 -5.33 -14.49 1.34
CA ASP B 353 -6.77 -14.47 1.55
C ASP B 353 -7.20 -13.40 2.56
N HIS B 354 -6.23 -12.69 3.16
CA HIS B 354 -6.53 -11.51 3.99
C HIS B 354 -6.88 -10.27 3.14
N TYR B 355 -6.77 -10.40 1.83
CA TYR B 355 -7.16 -9.36 0.88
C TYR B 355 -8.48 -9.72 0.18
N ILE B 356 -8.99 -10.91 0.48
CA ILE B 356 -10.19 -11.43 -0.17
C ILE B 356 -11.37 -11.35 0.79
N PRO B 357 -12.43 -10.62 0.43
CA PRO B 357 -13.58 -10.53 1.35
C PRO B 357 -14.13 -11.88 1.82
N SER B 358 -14.52 -11.94 3.10
CA SER B 358 -15.02 -13.15 3.74
C SER B 358 -16.27 -13.70 3.07
N SER B 359 -17.08 -12.81 2.50
CA SER B 359 -18.35 -13.21 1.90
C SER B 359 -18.15 -14.04 0.65
N ILE B 360 -16.91 -14.11 0.15
CA ILE B 360 -16.64 -14.83 -1.09
C ILE B 360 -16.48 -16.36 -0.87
N ASN B 361 -16.11 -16.79 0.33
CA ASN B 361 -15.93 -18.24 0.58
C ASN B 361 -14.97 -18.84 -0.43
N ILE B 362 -13.75 -18.32 -0.39
CA ILE B 362 -12.68 -18.81 -1.25
C ILE B 362 -12.51 -20.32 -1.07
N GLY B 363 -12.66 -20.80 0.16
CA GLY B 363 -12.53 -22.23 0.45
C GLY B 363 -13.34 -23.19 -0.43
N GLY B 364 -14.62 -22.87 -0.63
CA GLY B 364 -15.51 -23.68 -1.45
C GLY B 364 -15.05 -23.77 -2.89
N TYR B 365 -14.66 -22.62 -3.46
CA TYR B 365 -14.08 -22.58 -4.81
C TYR B 365 -12.80 -23.40 -4.89
N LEU B 366 -11.97 -23.32 -3.86
CA LEU B 366 -10.71 -24.06 -3.87
C LEU B 366 -10.98 -25.55 -3.87
N GLN B 367 -11.91 -26.02 -3.04
CA GLN B 367 -12.16 -27.45 -2.96
C GLN B 367 -12.68 -27.95 -4.30
N SER B 368 -13.47 -27.13 -5.00
CA SER B 368 -13.96 -27.51 -6.33
C SER B 368 -12.82 -27.65 -7.33
N ALA B 369 -11.86 -26.74 -7.24
CA ALA B 369 -10.71 -26.72 -8.15
C ALA B 369 -9.79 -27.93 -7.97
N ILE B 370 -9.58 -28.29 -6.71
CA ILE B 370 -8.70 -29.38 -6.36
C ILE B 370 -9.26 -30.69 -6.87
N MSE B 371 -10.56 -30.90 -6.62
CA MSE B 371 -11.23 -32.11 -7.08
C MSE B 371 -11.33 -32.17 -8.61
O MSE B 371 -11.03 -33.20 -9.21
CB MSE B 371 -12.63 -32.23 -6.47
CG MSE B 371 -12.64 -32.52 -4.96
SE MSE B 371 -11.70 -34.22 -4.57
CE MSE B 371 -12.96 -34.91 -3.20
H MSE B 371 -11.06 -30.36 -6.18
HA MSE B 371 -10.72 -32.87 -6.79
HB2 MSE B 371 -13.11 -31.39 -6.60
HB3 MSE B 371 -13.12 -32.95 -6.91
N SER B 372 -11.76 -31.09 -9.24
CA SER B 372 -12.10 -31.12 -10.66
C SER B 372 -10.93 -30.86 -11.60
N GLY B 373 -9.92 -30.11 -11.15
CA GLY B 373 -8.82 -29.68 -12.00
C GLY B 373 -9.16 -28.51 -12.90
N ASN B 374 -10.37 -27.96 -12.76
CA ASN B 374 -10.83 -26.90 -13.66
C ASN B 374 -10.34 -25.53 -13.21
N VAL B 375 -9.16 -25.16 -13.68
CA VAL B 375 -8.53 -23.88 -13.32
C VAL B 375 -9.35 -22.67 -13.78
N ASN B 376 -9.83 -22.72 -15.04
CA ASN B 376 -10.63 -21.66 -15.64
C ASN B 376 -11.87 -21.30 -14.83
N GLN B 377 -12.59 -22.32 -14.37
CA GLN B 377 -13.78 -22.11 -13.56
C GLN B 377 -13.39 -21.45 -12.23
N PHE B 378 -12.25 -21.85 -11.67
CA PHE B 378 -11.77 -21.24 -10.43
C PHE B 378 -11.44 -19.78 -10.62
N ILE B 379 -10.63 -19.47 -11.62
CA ILE B 379 -10.23 -18.08 -11.88
C ILE B 379 -11.43 -17.19 -12.22
N ASP B 380 -12.32 -17.68 -13.08
CA ASP B 380 -13.46 -16.89 -13.52
C ASP B 380 -14.42 -16.64 -12.35
N SER B 381 -14.60 -17.64 -11.52
CA SER B 381 -15.44 -17.52 -10.35
C SER B 381 -14.85 -16.48 -9.37
N MSE B 382 -13.58 -16.61 -9.01
CA MSE B 382 -12.95 -15.64 -8.11
C MSE B 382 -13.11 -14.22 -8.68
O MSE B 382 -13.40 -13.28 -7.94
CB MSE B 382 -11.46 -15.93 -7.93
CG MSE B 382 -11.10 -17.11 -6.99
SE MSE B 382 -12.05 -17.01 -5.28
CE MSE B 382 -11.37 -15.31 -4.56
H MSE B 382 -13.06 -17.24 -9.27
HA MSE B 382 -13.38 -15.69 -7.24
HB2 MSE B 382 -11.08 -16.13 -8.80
HB3 MSE B 382 -11.04 -15.15 -7.57
N GLN B 383 -12.92 -14.07 -10.00
CA GLN B 383 -12.98 -12.74 -10.61
C GLN B 383 -14.40 -12.19 -10.53
N ASN B 384 -15.39 -13.05 -10.79
CA ASN B 384 -16.78 -12.61 -10.78
C ASN B 384 -17.21 -12.26 -9.36
N GLU B 385 -16.81 -13.08 -8.41
CA GLU B 385 -17.11 -12.81 -7.01
C GLU B 385 -16.47 -11.48 -6.63
N TRP B 386 -15.22 -11.28 -7.03
CA TRP B 386 -14.48 -10.06 -6.69
C TRP B 386 -15.19 -8.85 -7.27
N ASN B 387 -15.54 -8.96 -8.54
CA ASN B 387 -16.24 -7.89 -9.24
C ASN B 387 -17.62 -7.62 -8.59
C1 FRU C . 9.28 25.82 -7.82
C2 FRU C . 8.47 24.86 -7.04
C3 FRU C . 8.47 25.15 -5.60
C4 FRU C . 8.07 23.86 -5.06
C5 FRU C . 8.87 22.92 -5.82
C6 FRU C . 8.19 21.61 -5.91
O1 FRU C . 10.57 25.83 -7.33
O2 FRU C . 7.12 24.87 -7.44
O3 FRU C . 7.56 26.16 -5.24
O4 FRU C . 8.29 23.70 -3.68
O5 FRU C . 9.02 23.52 -7.12
O6 FRU C . 8.93 20.81 -6.80
H11 FRU C . 9.30 25.54 -8.75
H12 FRU C . 8.90 26.71 -7.74
H3 FRU C . 9.38 25.37 -5.30
H4 FRU C . 7.13 23.70 -5.25
H5 FRU C . 9.75 22.81 -5.39
H61 FRU C . 7.28 21.72 -6.25
H62 FRU C . 8.16 21.19 -5.03
HO1 FRU C . 10.94 26.61 -7.47
HO3 FRU C . 7.99 26.94 -5.19
HO4 FRU C . 7.54 23.84 -3.24
HO6 FRU C . 9.55 20.38 -6.34
C1 GLC C . 6.89 24.46 -8.76
C2 GLC C . 5.90 25.38 -9.39
C3 GLC C . 4.69 25.39 -8.54
C4 GLC C . 4.12 24.01 -8.58
C5 GLC C . 5.12 22.98 -8.26
C6 GLC C . 4.58 21.64 -8.76
O2 GLC C . 6.42 26.68 -9.52
O3 GLC C . 3.80 26.31 -9.00
O4 GLC C . 3.08 23.91 -7.65
O5 GLC C . 6.38 23.18 -8.81
O6 GLC C . 5.15 20.52 -8.11
H1 GLC C . 7.74 24.50 -9.26
H2 GLC C . 5.67 25.04 -10.28
H3 GLC C . 4.94 25.62 -7.62
H4 GLC C . 3.77 23.85 -9.47
H5 GLC C . 5.22 22.92 -7.28
H61 GLC C . 4.75 21.57 -9.73
H62 GLC C . 3.61 21.63 -8.63
HO2 GLC C . 6.06 27.07 -10.24
HO3 GLC C . 3.41 26.00 -9.74
HO4 GLC C . 2.31 24.12 -8.04
C1 GLA C . 5.04 19.29 -8.75
C2 GLA C . 5.51 18.17 -7.85
C3 GLA C . 6.99 18.30 -7.62
C4 GLA C . 7.73 18.31 -8.91
C5 GLA C . 7.16 19.36 -9.78
C6 GLA C . 7.83 19.34 -11.12
O2 GLA C . 4.82 18.19 -6.64
O3 GLA C . 7.38 17.21 -6.84
O4 GLA C . 7.68 17.05 -9.54
O5 GLA C . 5.78 19.24 -9.94
O6 GLA C . 7.47 18.22 -11.85
H1 GLA C . 4.10 19.13 -8.96
H2 GLA C . 5.34 17.32 -8.29
H3 GLA C . 7.17 19.13 -7.15
H4 GLA C . 8.67 18.53 -8.73
H5 GLA C . 7.35 20.21 -9.37
H61 GLA C . 8.80 19.35 -10.99
H62 GLA C . 7.56 20.13 -11.61
HO2 GLA C . 4.16 17.62 -6.68
HO3 GLA C . 7.60 17.50 -6.03
HO4 GLA C . 8.49 16.67 -9.52
HO6 GLA C . 7.85 18.26 -12.64
C1 FRU D . -11.31 -22.44 11.44
C2 FRU D . -10.64 -21.12 11.45
C3 FRU D . -11.46 -20.13 12.14
C4 FRU D . -10.91 -18.89 11.60
C5 FRU D . -10.85 -19.18 10.16
C6 FRU D . -9.76 -18.42 9.46
O1 FRU D . -12.44 -22.38 10.62
O2 FRU D . -9.37 -21.13 12.03
O3 FRU D . -11.43 -20.24 13.54
O4 FRU D . -11.77 -17.80 11.82
O5 FRU D . -10.60 -20.59 10.12
O6 FRU D . -9.67 -18.72 8.08
H11 FRU D . -10.71 -23.11 11.10
H12 FRU D . -11.58 -22.68 12.35
H3 FRU D . -12.39 -20.23 11.83
H4 FRU D . -10.02 -18.72 11.96
H5 FRU D . -11.72 -18.97 9.74
H61 FRU D . -9.93 -17.47 9.57
H62 FRU D . -8.91 -18.65 9.88
HO1 FRU D . -12.84 -23.16 10.62
HO4 FRU D . -11.46 -17.32 12.48
HO6 FRU D . -10.34 -18.33 7.66
C1 GLC D . -8.38 -21.92 11.45
C2 GLC D . -7.72 -22.73 12.52
C3 GLC D . -7.19 -21.79 13.56
C4 GLC D . -6.19 -20.85 12.89
C5 GLC D . -6.69 -20.23 11.64
C6 GLC D . -5.48 -19.72 10.88
O2 GLC D . -8.67 -23.57 13.10
O3 GLC D . -6.60 -22.48 14.60
O4 GLC D . -5.83 -19.84 13.79
O5 GLC D . -7.40 -21.14 10.83
O6 GLC D . -5.84 -18.84 9.83
H1 GLC D . -8.78 -22.53 10.79
H2 GLC D . -7.00 -23.25 12.14
H3 GLC D . -7.92 -21.25 13.91
H4 GLC D . -5.40 -21.36 12.68
H5 GLC D . -7.28 -19.47 11.87
H61 GLC D . -4.87 -19.25 11.49
H62 GLC D . -5.03 -20.48 10.48
HO2 GLC D . -8.32 -24.39 13.20
HO3 GLC D . -7.05 -22.33 15.34
HO4 GLC D . -5.05 -20.03 14.15
C1 GLA D . -4.89 -18.63 8.86
C2 GLA D . -5.21 -17.39 8.08
C3 GLA D . -6.52 -17.59 7.37
C4 GLA D . -6.45 -18.83 6.54
C5 GLA D . -6.03 -20.02 7.35
C6 GLA D . -5.85 -21.20 6.46
O2 GLA D . -5.32 -16.30 8.91
O3 GLA D . -6.81 -16.48 6.55
O4 GLA D . -5.53 -18.63 5.51
O5 GLA D . -4.84 -19.75 8.02
O6 GLA D . -4.70 -21.03 5.67
H1 GLA D . -4.01 -18.51 9.30
H2 GLA D . -4.51 -17.23 7.42
H3 GLA D . -7.23 -17.69 8.02
H4 GLA D . -7.33 -19.01 6.16
H5 GLA D . -6.71 -20.20 8.00
H61 GLA D . -5.75 -22.00 7.02
H62 GLA D . -6.63 -21.30 5.90
HO2 GLA D . -4.52 -15.91 8.99
HO3 GLA D . -7.56 -16.11 6.83
HO4 GLA D . -5.97 -18.56 4.74
HO6 GLA D . -4.51 -21.80 5.28
#